data_8AUE
#
_entry.id   8AUE
#
_cell.length_a   49.719
_cell.length_b   89.026
_cell.length_c   90.074
_cell.angle_alpha   90.000
_cell.angle_beta   100.274
_cell.angle_gamma   90.000
#
_symmetry.space_group_name_H-M   'P 1 21 1'
#
loop_
_entity.id
_entity.type
_entity.pdbx_description
1 polymer '12-oxophytodienoate reductase 3'
2 non-polymer 'FLAVIN MONONUCLEOTIDE'
3 non-polymer '2-methoxyethyl (2~{Z})-2-hydroxyimino-3-oxidanylidene-butanoate'
4 non-polymer DI(HYDROXYETHYL)ETHER
5 non-polymer GLYCINE
6 non-polymer 1,2-ETHANEDIOL
7 water water
#
_entity_poly.entity_id   1
_entity_poly.type   'polypeptide(L)'
_entity_poly.pdbx_seq_one_letter_code
;HHHHHHMASSAQDGNNPLFSPYKMGKFNLSHRVVLAPMTRCRALNNIPQAALGEYYEQRATAGGFLITEGTMISPTSAGF
PHVPGIFTKEQVREWKKIVDVVHAKGAVIFCQLWHVGRASHEVYQPAGAAPISSTEKPISNRWRILMPDGTHGIYPKPRA
IGTYEISQVVEDYRRSALNAIEAGFDGIEIHGAHGYLIDQFLKDGINDRTDEYGGSLANRCKFITQVVQAVVSAIGADRV
GVRVSPAIDHLDAMDSNPLSLGLAVVERLNKIQLHSGSKLAYLHVTQPRYVAYGQTEAGRLGSEEEEARLMRTLRNAYQG
TFICSGGYTRELGIEAVAQGDADLVSYGRLFISNPDLVMRIKLNAPLNKYNRKTFYTQDPVVGYTDYPFLQGNGSNGPLS
RL
;
_entity_poly.pdbx_strand_id   A,B
#
loop_
_chem_comp.id
_chem_comp.type
_chem_comp.name
_chem_comp.formula
EDO non-polymer 1,2-ETHANEDIOL 'C2 H6 O2'
FMN non-polymer 'FLAVIN MONONUCLEOTIDE' 'C17 H21 N4 O9 P'
O8R non-polymer '2-methoxyethyl (2~{Z})-2-hydroxyimino-3-oxidanylidene-butanoate' 'C7 H11 N O5'
PEG non-polymer DI(HYDROXYETHYL)ETHER 'C4 H10 O3'
#
# COMPACT_ATOMS: atom_id res chain seq x y z
N ASN A 16 -29.69 1.37 -6.65
CA ASN A 16 -28.83 0.21 -6.42
C ASN A 16 -27.53 0.37 -7.20
N PRO A 17 -26.42 0.58 -6.50
CA PRO A 17 -25.14 0.82 -7.18
C PRO A 17 -24.63 -0.36 -7.97
N LEU A 18 -25.08 -1.59 -7.67
CA LEU A 18 -24.67 -2.72 -8.50
C LEU A 18 -25.17 -2.60 -9.94
N PHE A 19 -26.13 -1.73 -10.21
CA PHE A 19 -26.65 -1.55 -11.57
C PHE A 19 -26.30 -0.19 -12.15
N SER A 20 -25.32 0.48 -11.59
N SER A 20 -25.33 0.49 -11.58
CA SER A 20 -24.71 1.60 -12.29
CA SER A 20 -24.68 1.59 -12.28
C SER A 20 -23.71 1.06 -13.31
C SER A 20 -23.74 1.03 -13.33
N PRO A 21 -23.72 1.56 -14.55
CA PRO A 21 -22.81 1.04 -15.57
C PRO A 21 -21.37 1.27 -15.18
N TYR A 22 -20.47 0.48 -15.77
CA TYR A 22 -19.07 0.61 -15.43
C TYR A 22 -18.23 0.27 -16.65
N LYS A 23 -17.23 1.10 -16.91
CA LYS A 23 -16.35 0.94 -18.06
C LYS A 23 -15.13 0.16 -17.60
N MET A 24 -15.07 -1.12 -17.96
CA MET A 24 -13.90 -1.95 -17.67
C MET A 24 -12.93 -1.85 -18.84
N GLY A 25 -12.34 -0.66 -18.97
CA GLY A 25 -11.45 -0.38 -20.06
C GLY A 25 -12.17 -0.42 -21.40
N LYS A 26 -11.88 -1.41 -22.24
CA LYS A 26 -12.55 -1.44 -23.53
C LYS A 26 -13.93 -2.08 -23.49
N PHE A 27 -14.37 -2.57 -22.33
CA PHE A 27 -15.67 -3.23 -22.22
C PHE A 27 -16.62 -2.39 -21.37
N ASN A 28 -17.75 -2.01 -21.96
CA ASN A 28 -18.78 -1.23 -21.28
C ASN A 28 -19.78 -2.20 -20.65
N LEU A 29 -19.81 -2.25 -19.33
CA LEU A 29 -20.68 -3.16 -18.60
C LEU A 29 -21.92 -2.41 -18.13
N SER A 30 -23.06 -3.10 -18.16
N SER A 30 -23.07 -3.10 -18.16
CA SER A 30 -24.31 -2.50 -17.70
CA SER A 30 -24.32 -2.50 -17.71
C SER A 30 -24.46 -2.59 -16.19
C SER A 30 -24.58 -2.70 -16.22
N HIS A 31 -23.81 -3.56 -15.56
CA HIS A 31 -23.97 -3.77 -14.13
C HIS A 31 -22.69 -4.42 -13.62
N ARG A 32 -22.62 -4.56 -12.30
CA ARG A 32 -21.37 -4.89 -11.63
C ARG A 32 -21.41 -6.26 -10.95
N VAL A 33 -22.38 -7.10 -11.32
CA VAL A 33 -22.49 -8.48 -10.83
C VAL A 33 -21.73 -9.39 -11.78
N VAL A 34 -20.64 -9.98 -11.31
CA VAL A 34 -19.74 -10.78 -12.14
C VAL A 34 -19.90 -12.24 -11.76
N LEU A 35 -19.93 -13.11 -12.76
CA LEU A 35 -19.86 -14.56 -12.51
C LEU A 35 -18.41 -14.92 -12.17
N ALA A 36 -18.19 -15.33 -10.92
CA ALA A 36 -16.85 -15.73 -10.50
C ALA A 36 -16.41 -17.00 -11.21
N PRO A 37 -15.11 -17.16 -11.47
CA PRO A 37 -14.62 -18.40 -12.08
C PRO A 37 -14.86 -19.60 -11.16
N MET A 38 -15.47 -20.66 -11.71
CA MET A 38 -15.82 -21.80 -10.85
C MET A 38 -15.64 -23.12 -11.57
N THR A 39 -14.65 -23.89 -11.12
CA THR A 39 -14.45 -25.28 -11.52
C THR A 39 -15.69 -26.11 -11.22
N ARG A 40 -16.24 -26.76 -12.25
CA ARG A 40 -17.43 -27.58 -12.12
C ARG A 40 -17.28 -29.01 -12.65
N CYS A 41 -16.23 -29.30 -13.42
CA CYS A 41 -15.85 -30.67 -13.78
C CYS A 41 -16.86 -31.34 -14.71
N ARG A 42 -17.55 -30.56 -15.56
CA ARG A 42 -18.40 -31.11 -16.60
C ARG A 42 -17.70 -31.17 -17.96
N ALA A 43 -16.48 -30.68 -18.08
CA ALA A 43 -15.78 -30.63 -19.38
C ALA A 43 -15.07 -31.97 -19.59
N LEU A 44 -15.85 -32.97 -19.99
CA LEU A 44 -15.38 -34.35 -19.99
C LEU A 44 -14.12 -34.50 -20.83
N ASN A 45 -13.13 -35.18 -20.26
CA ASN A 45 -11.84 -35.42 -20.91
C ASN A 45 -11.15 -34.11 -21.29
N ASN A 46 -11.42 -33.06 -20.52
CA ASN A 46 -10.81 -31.73 -20.69
C ASN A 46 -11.30 -31.02 -21.94
N ILE A 47 -12.38 -31.51 -22.54
CA ILE A 47 -12.97 -30.93 -23.74
C ILE A 47 -14.23 -30.18 -23.33
N PRO A 48 -14.35 -28.89 -23.63
CA PRO A 48 -15.59 -28.18 -23.29
C PRO A 48 -16.77 -28.88 -23.95
N GLN A 49 -17.84 -29.05 -23.18
CA GLN A 49 -19.00 -29.81 -23.62
C GLN A 49 -20.18 -28.88 -23.83
N ALA A 50 -21.19 -29.38 -24.53
CA ALA A 50 -22.39 -28.59 -24.78
C ALA A 50 -23.05 -28.14 -23.49
N ALA A 51 -22.95 -28.97 -22.43
CA ALA A 51 -23.48 -28.59 -21.13
C ALA A 51 -22.91 -27.25 -20.66
N LEU A 52 -21.62 -27.01 -20.91
CA LEU A 52 -21.01 -25.73 -20.54
C LEU A 52 -21.68 -24.58 -21.30
N GLY A 53 -22.01 -24.80 -22.57
CA GLY A 53 -22.71 -23.80 -23.33
C GLY A 53 -24.06 -23.43 -22.72
N GLU A 54 -24.85 -24.42 -22.33
CA GLU A 54 -26.12 -24.11 -21.69
C GLU A 54 -25.90 -23.39 -20.35
N TYR A 55 -24.90 -23.84 -19.58
CA TYR A 55 -24.67 -23.29 -18.25
C TYR A 55 -24.28 -21.82 -18.32
N TYR A 56 -23.31 -21.47 -19.17
CA TYR A 56 -22.93 -20.06 -19.24
C TYR A 56 -24.04 -19.24 -19.92
N GLU A 57 -24.75 -19.82 -20.88
CA GLU A 57 -25.84 -19.08 -21.50
C GLU A 57 -26.91 -18.69 -20.48
N GLN A 58 -27.24 -19.60 -19.56
CA GLN A 58 -28.25 -19.32 -18.55
C GLN A 58 -27.87 -18.14 -17.69
N ARG A 59 -26.58 -17.94 -17.46
CA ARG A 59 -26.09 -16.93 -16.53
C ARG A 59 -25.69 -15.64 -17.23
N ALA A 60 -25.55 -15.67 -18.55
CA ALA A 60 -25.18 -14.47 -19.30
C ALA A 60 -26.31 -13.45 -19.29
N THR A 61 -25.94 -12.17 -19.15
CA THR A 61 -26.89 -11.07 -19.26
C THR A 61 -26.32 -10.02 -20.19
N ALA A 62 -27.19 -9.13 -20.67
CA ALA A 62 -26.76 -8.05 -21.55
C ALA A 62 -25.91 -7.06 -20.77
N GLY A 63 -24.64 -6.95 -21.15
CA GLY A 63 -23.72 -6.08 -20.44
C GLY A 63 -23.15 -6.66 -19.17
N GLY A 64 -23.34 -7.97 -18.94
CA GLY A 64 -22.73 -8.62 -17.80
C GLY A 64 -21.40 -9.27 -18.13
N PHE A 65 -20.57 -9.44 -17.11
CA PHE A 65 -19.23 -9.97 -17.25
C PHE A 65 -19.17 -11.37 -16.65
N LEU A 66 -18.72 -12.35 -17.44
CA LEU A 66 -18.58 -13.73 -17.00
C LEU A 66 -17.12 -14.12 -17.04
N ILE A 67 -16.67 -14.86 -16.03
CA ILE A 67 -15.35 -15.47 -16.02
C ILE A 67 -15.54 -16.99 -15.96
N THR A 68 -14.86 -17.70 -16.84
CA THR A 68 -15.04 -19.15 -16.89
C THR A 68 -14.35 -19.84 -15.72
N GLU A 69 -14.74 -21.09 -15.49
CA GLU A 69 -13.96 -22.01 -14.69
C GLU A 69 -12.49 -21.95 -15.09
N GLY A 70 -11.61 -22.29 -14.16
CA GLY A 70 -10.19 -22.37 -14.48
C GLY A 70 -9.96 -23.37 -15.61
N THR A 71 -9.07 -23.01 -16.52
CA THR A 71 -8.90 -23.73 -17.79
C THR A 71 -7.42 -24.07 -17.96
N MET A 72 -7.15 -25.32 -18.30
CA MET A 72 -5.78 -25.82 -18.39
C MET A 72 -5.01 -25.11 -19.48
N ILE A 73 -3.74 -24.79 -19.19
CA ILE A 73 -2.85 -24.17 -20.17
C ILE A 73 -1.88 -25.16 -20.79
N SER A 74 -1.91 -26.42 -20.37
CA SER A 74 -0.92 -27.40 -20.76
C SER A 74 -1.36 -28.76 -20.22
N PRO A 75 -0.75 -29.85 -20.67
CA PRO A 75 -1.15 -31.17 -20.16
C PRO A 75 -0.82 -31.42 -18.69
N THR A 76 0.04 -30.61 -18.06
CA THR A 76 0.43 -30.81 -16.66
C THR A 76 -0.29 -29.86 -15.71
N SER A 77 -1.22 -29.05 -16.21
N SER A 77 -1.22 -29.05 -16.20
CA SER A 77 -1.82 -27.96 -15.45
CA SER A 77 -1.79 -27.96 -15.43
C SER A 77 -2.90 -28.40 -14.49
C SER A 77 -3.06 -28.33 -14.66
N ALA A 78 -3.48 -29.58 -14.68
CA ALA A 78 -4.74 -29.95 -14.02
C ALA A 78 -4.52 -30.69 -12.72
N GLY A 79 -5.48 -30.51 -11.81
CA GLY A 79 -5.52 -31.19 -10.52
C GLY A 79 -6.95 -31.45 -10.09
N PHE A 80 -7.87 -31.47 -11.07
CA PHE A 80 -9.28 -31.78 -10.93
C PHE A 80 -9.71 -32.60 -12.14
N PRO A 81 -10.71 -33.47 -11.99
CA PRO A 81 -11.15 -34.25 -13.15
C PRO A 81 -12.05 -33.44 -14.07
N HIS A 82 -11.87 -33.62 -15.38
CA HIS A 82 -12.79 -33.13 -16.41
C HIS A 82 -12.95 -31.61 -16.35
N VAL A 83 -11.84 -30.92 -16.12
CA VAL A 83 -11.77 -29.47 -16.25
C VAL A 83 -11.33 -29.15 -17.67
N PRO A 84 -11.80 -28.06 -18.28
CA PRO A 84 -11.45 -27.80 -19.67
C PRO A 84 -10.00 -27.34 -19.81
N GLY A 85 -9.47 -27.54 -21.02
CA GLY A 85 -8.23 -26.93 -21.44
C GLY A 85 -8.49 -25.97 -22.57
N ILE A 86 -7.45 -25.19 -22.89
CA ILE A 86 -7.52 -24.37 -24.09
C ILE A 86 -6.14 -24.41 -24.75
N PHE A 87 -5.47 -25.56 -24.63
CA PHE A 87 -4.16 -25.75 -25.25
C PHE A 87 -4.17 -26.62 -26.51
N THR A 88 -5.33 -27.16 -26.91
CA THR A 88 -5.45 -27.90 -28.16
C THR A 88 -6.44 -27.22 -29.10
N LYS A 89 -6.31 -27.53 -30.39
CA LYS A 89 -7.22 -26.92 -31.37
C LYS A 89 -8.63 -27.46 -31.21
N GLU A 90 -8.76 -28.73 -30.82
CA GLU A 90 -10.07 -29.28 -30.50
C GLU A 90 -10.74 -28.49 -29.37
N GLN A 91 -9.99 -28.23 -28.30
CA GLN A 91 -10.55 -27.44 -27.20
C GLN A 91 -10.96 -26.05 -27.69
N VAL A 92 -10.13 -25.40 -28.50
CA VAL A 92 -10.47 -24.09 -29.06
C VAL A 92 -11.78 -24.18 -29.85
N ARG A 93 -11.90 -25.21 -30.68
CA ARG A 93 -13.10 -25.39 -31.50
C ARG A 93 -14.35 -25.49 -30.63
N GLU A 94 -14.28 -26.23 -29.53
CA GLU A 94 -15.47 -26.41 -28.70
C GLU A 94 -15.77 -25.16 -27.86
N TRP A 95 -14.72 -24.51 -27.32
CA TRP A 95 -14.93 -23.24 -26.63
C TRP A 95 -15.61 -22.21 -27.51
N LYS A 96 -15.29 -22.21 -28.81
CA LYS A 96 -15.86 -21.22 -29.72
C LYS A 96 -17.38 -21.27 -29.69
N LYS A 97 -17.96 -22.46 -29.67
CA LYS A 97 -19.41 -22.59 -29.68
C LYS A 97 -20.01 -22.03 -28.39
N ILE A 98 -19.32 -22.21 -27.28
CA ILE A 98 -19.78 -21.69 -25.99
C ILE A 98 -19.70 -20.16 -25.96
N VAL A 99 -18.59 -19.61 -26.45
CA VAL A 99 -18.44 -18.16 -26.47
C VAL A 99 -19.49 -17.52 -27.37
N ASP A 100 -19.84 -18.20 -28.48
CA ASP A 100 -20.81 -17.64 -29.40
C ASP A 100 -22.16 -17.43 -28.74
N VAL A 101 -22.64 -18.44 -27.99
CA VAL A 101 -23.97 -18.32 -27.38
C VAL A 101 -23.96 -17.32 -26.23
N VAL A 102 -22.83 -17.18 -25.54
CA VAL A 102 -22.75 -16.15 -24.49
C VAL A 102 -22.81 -14.77 -25.13
N HIS A 103 -22.07 -14.58 -26.22
CA HIS A 103 -22.04 -13.28 -26.87
C HIS A 103 -23.41 -12.92 -27.45
N ALA A 104 -24.17 -13.93 -27.90
CA ALA A 104 -25.51 -13.70 -28.41
C ALA A 104 -26.41 -13.06 -27.36
N LYS A 105 -26.12 -13.29 -26.08
CA LYS A 105 -26.86 -12.64 -24.99
C LYS A 105 -26.29 -11.27 -24.62
N GLY A 106 -25.21 -10.85 -25.27
CA GLY A 106 -24.65 -9.53 -25.00
C GLY A 106 -23.73 -9.47 -23.80
N ALA A 107 -23.20 -10.59 -23.34
CA ALA A 107 -22.30 -10.60 -22.20
C ALA A 107 -20.83 -10.54 -22.66
N VAL A 108 -19.96 -10.13 -21.73
CA VAL A 108 -18.52 -10.19 -21.89
C VAL A 108 -18.02 -11.41 -21.13
N ILE A 109 -17.11 -12.17 -21.72
CA ILE A 109 -16.65 -13.40 -21.07
C ILE A 109 -15.14 -13.52 -21.20
N PHE A 110 -14.49 -13.80 -20.06
CA PHE A 110 -13.06 -14.04 -19.98
C PHE A 110 -12.80 -15.50 -19.60
N CYS A 111 -11.73 -16.07 -20.17
CA CYS A 111 -11.29 -17.43 -19.87
C CYS A 111 -10.21 -17.37 -18.79
N GLN A 112 -10.42 -18.06 -17.67
CA GLN A 112 -9.41 -18.05 -16.61
C GLN A 112 -8.39 -19.13 -16.90
N LEU A 113 -7.13 -18.74 -17.02
CA LEU A 113 -6.05 -19.68 -17.31
C LEU A 113 -5.44 -20.18 -16.01
N TRP A 114 -5.39 -21.51 -15.85
CA TRP A 114 -5.23 -22.13 -14.55
C TRP A 114 -4.21 -23.24 -14.60
N HIS A 115 -3.13 -23.09 -13.82
CA HIS A 115 -2.18 -24.17 -13.57
C HIS A 115 -2.15 -24.45 -12.07
N VAL A 116 -2.43 -25.71 -11.68
CA VAL A 116 -2.50 -26.05 -10.27
C VAL A 116 -1.15 -26.28 -9.61
N GLY A 117 -0.08 -26.41 -10.39
CA GLY A 117 1.21 -26.70 -9.79
C GLY A 117 1.18 -27.99 -8.97
N ARG A 118 1.67 -27.89 -7.72
CA ARG A 118 1.80 -29.04 -6.82
C ARG A 118 0.45 -29.54 -6.30
N ALA A 119 -0.64 -28.82 -6.54
CA ALA A 119 -1.98 -29.29 -6.14
C ALA A 119 -2.56 -30.19 -7.23
N SER A 120 -1.90 -31.33 -7.41
CA SER A 120 -2.31 -32.28 -8.43
C SER A 120 -2.00 -33.69 -7.92
N HIS A 121 -2.06 -34.66 -8.81
CA HIS A 121 -1.89 -36.06 -8.44
C HIS A 121 -1.40 -36.81 -9.65
N GLU A 122 -0.74 -37.94 -9.39
CA GLU A 122 -0.25 -38.79 -10.48
C GLU A 122 -1.36 -39.09 -11.49
N VAL A 123 -2.60 -39.25 -11.02
CA VAL A 123 -3.69 -39.62 -11.91
C VAL A 123 -4.04 -38.50 -12.87
N TYR A 124 -3.65 -37.26 -12.54
CA TYR A 124 -3.97 -36.11 -13.37
C TYR A 124 -2.81 -35.71 -14.28
N GLN A 125 -1.68 -36.42 -14.19
CA GLN A 125 -0.46 -36.03 -14.88
C GLN A 125 -0.13 -37.01 -16.01
N PRO A 126 0.41 -36.52 -17.12
CA PRO A 126 0.79 -37.44 -18.20
C PRO A 126 1.84 -38.41 -17.71
N ALA A 127 1.67 -39.68 -18.06
CA ALA A 127 2.56 -40.76 -17.65
C ALA A 127 2.66 -40.89 -16.14
N GLY A 128 1.69 -40.35 -15.41
CA GLY A 128 1.73 -40.41 -13.96
C GLY A 128 2.92 -39.69 -13.35
N ALA A 129 3.49 -38.72 -14.06
CA ALA A 129 4.65 -37.98 -13.58
C ALA A 129 4.29 -37.12 -12.37
N ALA A 130 5.32 -36.66 -11.66
CA ALA A 130 5.10 -35.82 -10.50
C ALA A 130 4.61 -34.44 -10.93
N PRO A 131 3.65 -33.86 -10.22
CA PRO A 131 3.28 -32.45 -10.47
C PRO A 131 4.49 -31.54 -10.33
N ILE A 132 4.45 -30.38 -11.01
CA ILE A 132 5.53 -29.40 -10.99
C ILE A 132 5.19 -28.27 -10.04
N SER A 133 6.23 -27.63 -9.49
CA SER A 133 6.03 -26.56 -8.53
C SER A 133 7.29 -25.71 -8.44
N SER A 134 7.23 -24.70 -7.60
CA SER A 134 8.41 -23.92 -7.23
C SER A 134 9.34 -24.70 -6.31
N THR A 135 8.82 -25.75 -5.68
CA THR A 135 9.41 -26.36 -4.50
C THR A 135 9.25 -27.86 -4.60
N GLU A 136 10.04 -28.60 -3.80
CA GLU A 136 9.82 -30.03 -3.66
C GLU A 136 8.90 -30.38 -2.49
N LYS A 137 8.43 -29.39 -1.74
CA LYS A 137 7.59 -29.65 -0.57
C LYS A 137 6.16 -29.97 -1.01
N PRO A 138 5.57 -31.06 -0.54
CA PRO A 138 4.16 -31.32 -0.85
C PRO A 138 3.23 -30.52 0.05
N ILE A 139 2.01 -30.32 -0.46
CA ILE A 139 0.91 -29.90 0.40
C ILE A 139 0.81 -30.88 1.56
N SER A 140 0.50 -30.36 2.75
CA SER A 140 0.48 -31.22 3.92
C SER A 140 -0.75 -32.10 3.92
N ASN A 141 -0.74 -33.12 4.78
N ASN A 141 -0.73 -33.11 4.78
CA ASN A 141 -1.83 -34.06 4.87
CA ASN A 141 -1.83 -34.06 4.87
C ASN A 141 -3.13 -33.43 5.38
C ASN A 141 -3.12 -33.42 5.36
N ARG A 142 -3.09 -32.15 5.78
CA ARG A 142 -4.33 -31.48 6.15
C ARG A 142 -5.27 -31.32 4.96
N TRP A 143 -4.74 -31.37 3.74
CA TRP A 143 -5.52 -31.23 2.52
C TRP A 143 -5.49 -32.53 1.72
N ARG A 144 -6.64 -32.87 1.13
CA ARG A 144 -6.81 -34.05 0.29
C ARG A 144 -7.33 -33.61 -1.07
N ILE A 145 -6.91 -34.31 -2.13
CA ILE A 145 -7.27 -33.95 -3.49
C ILE A 145 -8.47 -34.79 -3.93
N LEU A 146 -9.42 -34.17 -4.61
CA LEU A 146 -10.54 -34.91 -5.17
C LEU A 146 -10.08 -35.79 -6.32
N MET A 147 -10.37 -37.09 -6.24
CA MET A 147 -10.00 -38.07 -7.25
C MET A 147 -11.13 -38.24 -8.28
N PRO A 148 -10.83 -38.76 -9.46
CA PRO A 148 -11.87 -38.93 -10.48
C PRO A 148 -13.02 -39.81 -10.05
N ASP A 149 -12.80 -40.75 -9.11
CA ASP A 149 -13.84 -41.64 -8.66
C ASP A 149 -14.61 -41.10 -7.46
N GLY A 150 -14.36 -39.85 -7.08
CA GLY A 150 -15.09 -39.24 -5.98
C GLY A 150 -14.51 -39.46 -4.61
N THR A 151 -13.40 -40.18 -4.49
CA THR A 151 -12.70 -40.30 -3.22
C THR A 151 -11.74 -39.12 -3.07
N HIS A 152 -10.94 -39.12 -1.99
CA HIS A 152 -9.94 -38.10 -1.78
C HIS A 152 -8.58 -38.76 -1.62
N GLY A 153 -7.60 -38.28 -2.39
CA GLY A 153 -6.27 -38.85 -2.41
C GLY A 153 -5.24 -37.95 -1.72
N ILE A 154 -4.00 -38.39 -1.75
CA ILE A 154 -2.88 -37.72 -1.09
C ILE A 154 -2.16 -36.86 -2.10
N TYR A 155 -1.90 -35.59 -1.75
CA TYR A 155 -1.03 -34.77 -2.60
C TYR A 155 0.39 -35.33 -2.56
N PRO A 156 0.99 -35.58 -3.72
CA PRO A 156 2.35 -36.14 -3.75
C PRO A 156 3.42 -35.05 -3.63
N LYS A 157 4.66 -35.51 -3.57
CA LYS A 157 5.81 -34.62 -3.60
C LYS A 157 5.98 -34.05 -5.00
N PRO A 158 6.01 -32.73 -5.17
CA PRO A 158 6.16 -32.16 -6.51
C PRO A 158 7.62 -32.13 -6.93
N ARG A 159 7.83 -31.88 -8.22
CA ARG A 159 9.15 -31.64 -8.76
C ARG A 159 9.35 -30.13 -8.88
N ALA A 160 10.44 -29.62 -8.31
CA ALA A 160 10.79 -28.21 -8.40
C ALA A 160 11.45 -27.94 -9.75
N ILE A 161 10.84 -27.07 -10.55
CA ILE A 161 11.28 -26.87 -11.92
C ILE A 161 12.41 -25.84 -11.96
N GLY A 162 13.25 -25.95 -12.99
CA GLY A 162 14.28 -24.96 -13.24
C GLY A 162 13.79 -23.77 -14.06
N THR A 163 14.69 -22.82 -14.25
CA THR A 163 14.28 -21.57 -14.90
C THR A 163 13.95 -21.77 -16.37
N TYR A 164 14.60 -22.72 -17.04
CA TYR A 164 14.19 -23.06 -18.40
C TYR A 164 12.73 -23.50 -18.41
N GLU A 165 12.40 -24.46 -17.54
CA GLU A 165 11.03 -24.96 -17.48
C GLU A 165 10.06 -23.86 -17.07
N ILE A 166 10.48 -22.97 -16.17
CA ILE A 166 9.66 -21.81 -15.83
C ILE A 166 9.33 -21.01 -17.08
N SER A 167 10.33 -20.75 -17.93
CA SER A 167 10.07 -19.95 -19.13
C SER A 167 9.13 -20.68 -20.07
N GLN A 168 9.15 -22.01 -20.05
CA GLN A 168 8.22 -22.77 -20.87
C GLN A 168 6.79 -22.69 -20.33
N VAL A 169 6.62 -22.69 -19.01
CA VAL A 169 5.27 -22.50 -18.47
C VAL A 169 4.73 -21.12 -18.84
N VAL A 170 5.59 -20.10 -18.82
CA VAL A 170 5.17 -18.77 -19.25
C VAL A 170 4.68 -18.80 -20.69
N GLU A 171 5.40 -19.55 -21.55
CA GLU A 171 4.98 -19.69 -22.95
C GLU A 171 3.66 -20.44 -23.08
N ASP A 172 3.41 -21.41 -22.20
CA ASP A 172 2.11 -22.06 -22.17
C ASP A 172 1.00 -21.04 -21.87
N TYR A 173 1.23 -20.15 -20.89
CA TYR A 173 0.28 -19.07 -20.63
C TYR A 173 0.09 -18.20 -21.87
N ARG A 174 1.18 -17.85 -22.54
CA ARG A 174 1.07 -16.97 -23.71
C ARG A 174 0.30 -17.63 -24.83
N ARG A 175 0.59 -18.91 -25.10
CA ARG A 175 -0.12 -19.61 -26.16
C ARG A 175 -1.60 -19.80 -25.81
N SER A 176 -1.88 -20.11 -24.55
CA SER A 176 -3.27 -20.28 -24.15
C SER A 176 -4.04 -18.97 -24.26
N ALA A 177 -3.42 -17.84 -23.89
CA ALA A 177 -4.09 -16.55 -24.03
C ALA A 177 -4.44 -16.28 -25.50
N LEU A 178 -3.54 -16.64 -26.42
CA LEU A 178 -3.82 -16.47 -27.84
C LEU A 178 -4.94 -17.41 -28.30
N ASN A 179 -4.93 -18.65 -27.84
CA ASN A 179 -6.01 -19.58 -28.20
C ASN A 179 -7.36 -19.07 -27.71
N ALA A 180 -7.37 -18.43 -26.53
CA ALA A 180 -8.63 -17.89 -26.02
C ALA A 180 -9.15 -16.80 -26.94
N ILE A 181 -8.27 -15.94 -27.42
CA ILE A 181 -8.70 -14.92 -28.38
C ILE A 181 -9.18 -15.58 -29.66
N GLU A 182 -8.49 -16.64 -30.10
CA GLU A 182 -8.93 -17.36 -31.29
C GLU A 182 -10.32 -17.97 -31.10
N ALA A 183 -10.65 -18.43 -29.89
CA ALA A 183 -11.98 -18.96 -29.63
C ALA A 183 -13.04 -17.87 -29.50
N GLY A 184 -12.65 -16.60 -29.50
CA GLY A 184 -13.60 -15.51 -29.41
C GLY A 184 -13.73 -14.88 -28.04
N PHE A 185 -13.03 -15.40 -27.03
CA PHE A 185 -13.08 -14.80 -25.71
C PHE A 185 -12.71 -13.32 -25.79
N ASP A 186 -13.34 -12.53 -24.93
CA ASP A 186 -13.00 -11.11 -24.88
C ASP A 186 -11.65 -10.87 -24.20
N GLY A 187 -11.15 -11.86 -23.47
CA GLY A 187 -9.90 -11.71 -22.75
C GLY A 187 -9.69 -12.91 -21.83
N ILE A 188 -8.65 -12.81 -21.01
CA ILE A 188 -8.31 -13.90 -20.09
C ILE A 188 -8.06 -13.35 -18.70
N GLU A 189 -8.14 -14.26 -17.73
CA GLU A 189 -7.77 -13.97 -16.35
C GLU A 189 -6.69 -14.94 -15.92
N ILE A 190 -5.61 -14.38 -15.38
CA ILE A 190 -4.52 -15.19 -14.84
C ILE A 190 -4.90 -15.63 -13.43
N HIS A 191 -5.03 -16.94 -13.22
CA HIS A 191 -5.32 -17.46 -11.88
C HIS A 191 -4.01 -17.46 -11.11
N GLY A 192 -3.79 -16.42 -10.34
CA GLY A 192 -2.58 -16.36 -9.55
C GLY A 192 -2.86 -16.49 -8.07
N ALA A 193 -3.89 -17.28 -7.74
CA ALA A 193 -4.45 -17.27 -6.40
C ALA A 193 -4.47 -18.68 -5.80
N HIS A 194 -4.85 -18.73 -4.51
CA HIS A 194 -5.38 -19.93 -3.86
C HIS A 194 -4.37 -21.08 -3.76
N GLY A 195 -3.09 -20.76 -3.67
CA GLY A 195 -2.11 -21.81 -3.49
C GLY A 195 -1.80 -22.65 -4.72
N TYR A 196 -2.21 -22.19 -5.92
CA TYR A 196 -1.89 -22.93 -7.14
C TYR A 196 -0.52 -22.45 -7.64
N LEU A 197 -0.17 -22.73 -8.90
CA LEU A 197 1.23 -22.66 -9.31
C LEU A 197 1.84 -21.29 -9.05
N ILE A 198 1.17 -20.23 -9.51
CA ILE A 198 1.73 -18.89 -9.31
C ILE A 198 1.85 -18.58 -7.83
N ASP A 199 0.84 -18.93 -7.04
CA ASP A 199 0.88 -18.62 -5.62
C ASP A 199 1.94 -19.46 -4.91
N GLN A 200 2.31 -20.60 -5.49
CA GLN A 200 3.42 -21.41 -4.97
C GLN A 200 4.76 -20.71 -5.15
N PHE A 201 4.87 -19.81 -6.11
CA PHE A 201 6.04 -18.95 -6.23
C PHE A 201 5.92 -17.72 -5.35
N LEU A 202 4.69 -17.20 -5.17
CA LEU A 202 4.52 -15.94 -4.44
C LEU A 202 4.72 -16.12 -2.94
N LYS A 203 4.21 -17.20 -2.37
CA LYS A 203 4.09 -17.29 -0.91
C LYS A 203 5.40 -17.75 -0.31
N ASP A 204 5.91 -17.01 0.70
CA ASP A 204 7.17 -17.47 1.30
C ASP A 204 6.99 -18.68 2.19
N GLY A 205 5.74 -19.06 2.49
CA GLY A 205 5.50 -20.36 3.09
C GLY A 205 5.75 -21.53 2.16
N ILE A 206 5.76 -21.30 0.85
CA ILE A 206 5.93 -22.37 -0.13
C ILE A 206 7.25 -22.26 -0.87
N ASN A 207 7.60 -21.05 -1.33
CA ASN A 207 8.77 -20.83 -2.17
C ASN A 207 10.00 -20.89 -1.28
N ASP A 208 10.75 -21.99 -1.35
CA ASP A 208 12.03 -22.12 -0.67
C ASP A 208 13.19 -22.16 -1.64
N ARG A 209 13.04 -21.47 -2.78
CA ARG A 209 14.06 -21.55 -3.82
C ARG A 209 15.27 -20.72 -3.46
N THR A 210 16.44 -21.13 -3.95
CA THR A 210 17.67 -20.41 -3.74
C THR A 210 18.17 -19.72 -4.99
N ASP A 211 17.43 -19.76 -6.09
CA ASP A 211 17.84 -19.12 -7.33
C ASP A 211 17.14 -17.77 -7.46
N GLU A 212 17.06 -17.23 -8.67
N GLU A 212 17.06 -17.23 -8.67
CA GLU A 212 16.53 -15.88 -8.86
CA GLU A 212 16.52 -15.89 -8.86
C GLU A 212 15.02 -15.83 -8.72
C GLU A 212 15.01 -15.82 -8.71
N TYR A 213 14.34 -16.96 -8.53
CA TYR A 213 12.89 -16.97 -8.37
C TYR A 213 12.46 -17.15 -6.91
N GLY A 214 13.39 -17.12 -5.96
CA GLY A 214 13.04 -17.17 -4.55
C GLY A 214 14.04 -16.40 -3.72
N GLY A 215 13.81 -16.37 -2.41
CA GLY A 215 14.75 -15.79 -1.46
C GLY A 215 14.54 -14.34 -1.09
N SER A 216 13.69 -13.62 -1.83
CA SER A 216 13.35 -12.24 -1.52
C SER A 216 11.96 -11.99 -2.09
N LEU A 217 11.28 -10.96 -1.57
CA LEU A 217 9.95 -10.63 -2.07
C LEU A 217 10.00 -10.33 -3.57
N ALA A 218 11.00 -9.55 -4.01
CA ALA A 218 11.12 -9.23 -5.43
C ALA A 218 11.25 -10.50 -6.27
N ASN A 219 12.07 -11.45 -5.81
CA ASN A 219 12.28 -12.67 -6.56
C ASN A 219 11.01 -13.53 -6.59
N ARG A 220 10.28 -13.59 -5.48
CA ARG A 220 9.06 -14.39 -5.46
C ARG A 220 7.97 -13.79 -6.34
N CYS A 221 8.04 -12.49 -6.65
CA CYS A 221 7.08 -11.89 -7.57
C CYS A 221 7.50 -12.03 -9.02
N LYS A 222 8.68 -12.57 -9.30
CA LYS A 222 9.16 -12.64 -10.68
C LYS A 222 8.23 -13.47 -11.56
N PHE A 223 7.77 -14.62 -11.07
CA PHE A 223 7.01 -15.52 -11.93
C PHE A 223 5.70 -14.87 -12.38
N ILE A 224 4.93 -14.31 -11.43
CA ILE A 224 3.68 -13.69 -11.83
C ILE A 224 3.94 -12.49 -12.74
N THR A 225 5.04 -11.76 -12.51
CA THR A 225 5.30 -10.60 -13.37
C THR A 225 5.56 -11.05 -14.80
N GLN A 226 6.33 -12.13 -14.96
CA GLN A 226 6.66 -12.60 -16.30
C GLN A 226 5.48 -13.26 -16.99
N VAL A 227 4.60 -13.93 -16.23
CA VAL A 227 3.36 -14.44 -16.81
C VAL A 227 2.49 -13.30 -17.30
N VAL A 228 2.26 -12.29 -16.46
CA VAL A 228 1.40 -11.17 -16.86
C VAL A 228 2.00 -10.44 -18.05
N GLN A 229 3.32 -10.22 -18.03
CA GLN A 229 3.99 -9.54 -19.14
C GLN A 229 3.81 -10.31 -20.45
N ALA A 230 3.95 -11.63 -20.41
CA ALA A 230 3.81 -12.43 -21.63
C ALA A 230 2.40 -12.32 -22.20
N VAL A 231 1.38 -12.40 -21.35
CA VAL A 231 0.03 -12.40 -21.90
C VAL A 231 -0.38 -11.00 -22.32
N VAL A 232 0.10 -9.97 -21.61
CA VAL A 232 -0.12 -8.59 -22.03
C VAL A 232 0.46 -8.35 -23.42
N SER A 233 1.70 -8.82 -23.64
CA SER A 233 2.31 -8.65 -24.95
C SER A 233 1.56 -9.40 -26.03
N ALA A 234 0.96 -10.55 -25.68
CA ALA A 234 0.29 -11.38 -26.67
C ALA A 234 -1.04 -10.78 -27.12
N ILE A 235 -1.90 -10.38 -26.18
CA ILE A 235 -3.27 -10.02 -26.49
C ILE A 235 -3.65 -8.61 -26.06
N GLY A 236 -2.76 -7.86 -25.42
CA GLY A 236 -3.07 -6.52 -24.99
C GLY A 236 -3.54 -6.45 -23.55
N ALA A 237 -3.05 -5.45 -22.82
CA ALA A 237 -3.33 -5.34 -21.39
C ALA A 237 -4.82 -5.30 -21.09
N ASP A 238 -5.61 -4.62 -21.94
CA ASP A 238 -7.01 -4.43 -21.60
C ASP A 238 -7.85 -5.68 -21.79
N ARG A 239 -7.23 -6.78 -22.23
CA ARG A 239 -7.89 -8.07 -22.29
C ARG A 239 -7.38 -9.02 -21.22
N VAL A 240 -6.66 -8.52 -20.22
CA VAL A 240 -6.01 -9.36 -19.21
C VAL A 240 -6.46 -8.93 -17.82
N GLY A 241 -7.03 -9.88 -17.07
CA GLY A 241 -7.29 -9.70 -15.66
C GLY A 241 -6.36 -10.58 -14.85
N VAL A 242 -6.14 -10.24 -13.58
CA VAL A 242 -5.17 -10.95 -12.74
C VAL A 242 -5.86 -11.23 -11.41
N ARG A 243 -5.89 -12.49 -10.99
CA ARG A 243 -6.49 -12.85 -9.70
C ARG A 243 -5.39 -13.24 -8.71
N VAL A 244 -5.44 -12.68 -7.49
CA VAL A 244 -4.53 -13.07 -6.42
C VAL A 244 -5.30 -13.19 -5.12
N SER A 245 -4.66 -13.84 -4.14
CA SER A 245 -5.25 -14.00 -2.80
C SER A 245 -4.12 -14.00 -1.79
N PRO A 246 -3.54 -12.83 -1.52
CA PRO A 246 -2.37 -12.79 -0.65
C PRO A 246 -2.65 -13.33 0.74
N ALA A 247 -3.88 -13.23 1.23
CA ALA A 247 -4.29 -13.76 2.53
C ALA A 247 -5.33 -14.84 2.29
N ILE A 248 -4.93 -16.09 2.30
CA ILE A 248 -5.88 -17.18 2.06
C ILE A 248 -5.43 -18.39 2.86
N ASP A 249 -6.41 -19.14 3.36
CA ASP A 249 -6.15 -20.41 4.03
C ASP A 249 -6.53 -21.50 3.03
N HIS A 250 -5.60 -21.82 2.13
CA HIS A 250 -5.88 -22.87 1.17
C HIS A 250 -4.60 -23.54 0.71
N LEU A 251 -4.51 -24.86 0.91
CA LEU A 251 -3.41 -25.66 0.38
C LEU A 251 -2.06 -25.17 0.90
N ASP A 252 -2.01 -24.77 2.17
CA ASP A 252 -0.77 -24.37 2.85
C ASP A 252 -0.07 -23.24 2.11
N ALA A 253 -0.83 -22.22 1.74
CA ALA A 253 -0.31 -21.08 0.98
C ALA A 253 -0.29 -19.84 1.88
N MET A 254 0.60 -19.86 2.85
CA MET A 254 0.71 -18.75 3.78
C MET A 254 1.94 -17.90 3.44
N ASP A 255 1.85 -16.61 3.79
CA ASP A 255 2.97 -15.69 3.70
C ASP A 255 3.14 -15.00 5.03
N SER A 256 4.38 -14.71 5.38
CA SER A 256 4.67 -14.03 6.65
C SER A 256 4.14 -12.59 6.69
N ASN A 257 3.93 -11.97 5.55
CA ASN A 257 3.47 -10.58 5.48
C ASN A 257 2.51 -10.45 4.29
N PRO A 258 1.27 -10.91 4.45
CA PRO A 258 0.33 -10.90 3.32
C PRO A 258 0.09 -9.54 2.71
N LEU A 259 0.00 -8.48 3.51
CA LEU A 259 -0.23 -7.16 2.93
C LEU A 259 0.95 -6.72 2.08
N SER A 260 2.18 -6.96 2.56
CA SER A 260 3.35 -6.58 1.79
C SER A 260 3.45 -7.37 0.50
N LEU A 261 3.13 -8.67 0.56
CA LEU A 261 3.13 -9.46 -0.67
C LEU A 261 2.10 -8.92 -1.65
N GLY A 262 0.88 -8.66 -1.19
CA GLY A 262 -0.12 -8.05 -2.06
C GLY A 262 0.32 -6.73 -2.67
N LEU A 263 0.88 -5.84 -1.85
CA LEU A 263 1.31 -4.54 -2.37
C LEU A 263 2.48 -4.67 -3.34
N ALA A 264 3.37 -5.64 -3.11
CA ALA A 264 4.44 -5.91 -4.08
C ALA A 264 3.88 -6.35 -5.43
N VAL A 265 2.89 -7.23 -5.42
CA VAL A 265 2.24 -7.63 -6.67
C VAL A 265 1.59 -6.42 -7.33
N VAL A 266 0.83 -5.65 -6.55
CA VAL A 266 0.14 -4.49 -7.12
C VAL A 266 1.13 -3.52 -7.76
N GLU A 267 2.25 -3.25 -7.09
CA GLU A 267 3.22 -2.32 -7.67
C GLU A 267 3.72 -2.82 -9.02
N ARG A 268 3.96 -4.13 -9.14
CA ARG A 268 4.43 -4.66 -10.41
C ARG A 268 3.35 -4.59 -11.48
N LEU A 269 2.07 -4.78 -11.10
CA LEU A 269 0.99 -4.60 -12.07
C LEU A 269 0.90 -3.13 -12.51
N ASN A 270 1.03 -2.19 -11.57
CA ASN A 270 1.04 -0.77 -11.94
C ASN A 270 2.17 -0.48 -12.93
N LYS A 271 3.36 -1.03 -12.67
CA LYS A 271 4.51 -0.79 -13.52
C LYS A 271 4.33 -1.42 -14.90
N ILE A 272 3.76 -2.62 -14.95
CA ILE A 272 3.45 -3.22 -16.25
C ILE A 272 2.53 -2.31 -17.03
N GLN A 273 1.51 -1.75 -16.36
CA GLN A 273 0.57 -0.88 -17.05
C GLN A 273 1.25 0.36 -17.60
N LEU A 274 2.14 0.95 -16.81
CA LEU A 274 2.83 2.16 -17.28
C LEU A 274 3.74 1.83 -18.45
N HIS A 275 4.46 0.70 -18.38
CA HIS A 275 5.35 0.32 -19.48
C HIS A 275 4.57 -0.04 -20.74
N SER A 276 3.38 -0.62 -20.61
CA SER A 276 2.56 -0.99 -21.74
C SER A 276 1.70 0.16 -22.26
N GLY A 277 1.60 1.26 -21.50
CA GLY A 277 0.76 2.36 -21.91
C GLY A 277 -0.73 2.09 -21.81
N SER A 278 -1.15 1.03 -21.13
CA SER A 278 -2.56 0.70 -21.02
C SER A 278 -2.81 -0.04 -19.72
N LYS A 279 -4.01 0.11 -19.18
CA LYS A 279 -4.37 -0.59 -17.96
C LYS A 279 -4.82 -2.01 -18.27
N LEU A 280 -4.52 -2.92 -17.34
CA LEU A 280 -5.11 -4.24 -17.36
C LEU A 280 -6.63 -4.13 -17.28
N ALA A 281 -7.31 -5.23 -17.63
CA ALA A 281 -8.76 -5.25 -17.48
C ALA A 281 -9.17 -5.03 -16.03
N TYR A 282 -8.49 -5.70 -15.09
CA TYR A 282 -8.83 -5.61 -13.68
C TYR A 282 -7.83 -6.41 -12.84
N LEU A 283 -7.87 -6.12 -11.54
CA LEU A 283 -7.27 -6.96 -10.50
C LEU A 283 -8.41 -7.56 -9.69
N HIS A 284 -8.32 -8.87 -9.44
CA HIS A 284 -9.37 -9.66 -8.80
C HIS A 284 -8.75 -10.25 -7.54
N VAL A 285 -9.33 -9.94 -6.37
CA VAL A 285 -8.73 -10.38 -5.11
C VAL A 285 -9.75 -11.16 -4.29
N THR A 286 -9.35 -12.30 -3.75
CA THR A 286 -10.22 -13.10 -2.89
C THR A 286 -10.19 -12.58 -1.46
N GLN A 287 -11.38 -12.35 -0.91
N GLN A 287 -11.35 -12.35 -0.90
CA GLN A 287 -11.50 -11.96 0.49
CA GLN A 287 -11.42 -11.89 0.48
C GLN A 287 -10.97 -13.06 1.39
C GLN A 287 -11.03 -13.01 1.42
N PRO A 288 -10.14 -12.75 2.40
CA PRO A 288 -9.62 -13.82 3.26
C PRO A 288 -10.68 -14.62 4.00
N ARG A 289 -11.90 -14.09 4.18
CA ARG A 289 -12.92 -14.85 4.88
C ARG A 289 -13.40 -16.05 4.09
N TYR A 290 -13.00 -16.18 2.82
CA TYR A 290 -13.50 -17.26 2.00
C TYR A 290 -12.77 -18.55 2.33
N VAL A 291 -13.53 -19.57 2.76
CA VAL A 291 -12.97 -20.85 3.16
C VAL A 291 -13.81 -21.98 2.56
N ALA A 292 -13.21 -23.16 2.50
CA ALA A 292 -13.91 -24.35 1.99
C ALA A 292 -14.41 -25.22 3.14
N GLY A 302 -6.43 -12.04 11.16
CA GLY A 302 -7.56 -12.89 11.44
C GLY A 302 -8.81 -12.12 11.81
N SER A 303 -8.63 -10.84 12.15
CA SER A 303 -9.76 -9.99 12.51
C SER A 303 -10.61 -9.69 11.29
N GLU A 304 -11.93 -9.59 11.50
CA GLU A 304 -12.84 -9.20 10.43
C GLU A 304 -12.48 -7.82 9.89
N GLU A 305 -12.13 -6.90 10.77
CA GLU A 305 -11.81 -5.54 10.34
C GLU A 305 -10.47 -5.50 9.61
N GLU A 306 -9.47 -6.22 10.11
CA GLU A 306 -8.19 -6.27 9.42
C GLU A 306 -8.30 -6.95 8.05
N GLU A 307 -9.28 -7.83 7.86
CA GLU A 307 -9.45 -8.46 6.56
C GLU A 307 -10.08 -7.49 5.56
N ALA A 308 -11.10 -6.74 5.99
CA ALA A 308 -11.65 -5.70 5.13
C ALA A 308 -10.63 -4.60 4.86
N ARG A 309 -9.72 -4.35 5.80
N ARG A 309 -9.73 -4.35 5.81
CA ARG A 309 -8.71 -3.32 5.62
CA ARG A 309 -8.71 -3.33 5.64
C ARG A 309 -7.65 -3.75 4.62
C ARG A 309 -7.66 -3.75 4.61
N LEU A 310 -7.26 -5.02 4.63
CA LEU A 310 -6.30 -5.50 3.64
C LEU A 310 -6.86 -5.36 2.23
N MET A 311 -8.14 -5.69 2.04
CA MET A 311 -8.76 -5.54 0.73
C MET A 311 -8.74 -4.08 0.28
N ARG A 312 -9.15 -3.16 1.15
CA ARG A 312 -9.19 -1.77 0.74
C ARG A 312 -7.78 -1.20 0.51
N THR A 313 -6.79 -1.70 1.26
CA THR A 313 -5.43 -1.22 1.04
C THR A 313 -4.94 -1.62 -0.34
N LEU A 314 -5.23 -2.85 -0.75
CA LEU A 314 -4.81 -3.29 -2.07
C LEU A 314 -5.54 -2.52 -3.15
N ARG A 315 -6.86 -2.31 -2.98
CA ARG A 315 -7.65 -1.55 -3.94
C ARG A 315 -7.09 -0.15 -4.11
N ASN A 316 -6.86 0.54 -2.99
CA ASN A 316 -6.35 1.91 -3.07
C ASN A 316 -4.99 1.97 -3.75
N ALA A 317 -4.20 0.91 -3.64
CA ALA A 317 -2.85 0.90 -4.20
C ALA A 317 -2.82 0.62 -5.71
N TYR A 318 -3.86 0.02 -6.27
CA TYR A 318 -3.83 -0.46 -7.64
C TYR A 318 -4.49 0.58 -8.56
N GLN A 319 -3.80 0.89 -9.66
CA GLN A 319 -4.27 1.87 -10.64
C GLN A 319 -5.19 1.19 -11.66
N GLY A 320 -6.42 0.89 -11.23
CA GLY A 320 -7.36 0.31 -12.16
C GLY A 320 -8.55 -0.34 -11.46
N THR A 321 -9.23 -1.21 -12.22
CA THR A 321 -10.47 -1.80 -11.78
C THR A 321 -10.19 -2.90 -10.75
N PHE A 322 -11.00 -2.92 -9.69
CA PHE A 322 -10.86 -3.88 -8.60
C PHE A 322 -12.14 -4.72 -8.53
N ILE A 323 -11.98 -6.04 -8.63
CA ILE A 323 -13.07 -7.00 -8.45
C ILE A 323 -12.83 -7.72 -7.14
N CYS A 324 -13.80 -7.67 -6.24
CA CYS A 324 -13.68 -8.39 -4.98
C CYS A 324 -14.54 -9.65 -5.03
N SER A 325 -14.10 -10.69 -4.32
CA SER A 325 -14.77 -11.97 -4.37
C SER A 325 -14.61 -12.70 -3.03
N GLY A 326 -15.60 -13.51 -2.69
CA GLY A 326 -15.50 -14.35 -1.51
C GLY A 326 -16.53 -14.05 -0.44
N GLY A 327 -17.63 -14.80 -0.42
CA GLY A 327 -18.63 -14.64 0.61
C GLY A 327 -19.56 -13.46 0.45
N TYR A 328 -19.59 -12.83 -0.73
CA TYR A 328 -20.47 -11.70 -0.90
C TYR A 328 -21.93 -12.15 -1.01
N THR A 329 -22.81 -11.30 -0.45
CA THR A 329 -24.25 -11.39 -0.54
C THR A 329 -24.76 -10.21 -1.35
N ARG A 330 -26.07 -10.14 -1.51
CA ARG A 330 -26.65 -8.96 -2.16
C ARG A 330 -26.31 -7.69 -1.39
N GLU A 331 -26.52 -7.71 -0.08
CA GLU A 331 -26.25 -6.53 0.73
C GLU A 331 -24.76 -6.19 0.78
N LEU A 332 -23.91 -7.21 0.96
CA LEU A 332 -22.48 -6.97 1.02
C LEU A 332 -21.96 -6.44 -0.32
N GLY A 333 -22.52 -6.92 -1.43
CA GLY A 333 -22.11 -6.43 -2.73
C GLY A 333 -22.51 -4.98 -2.96
N ILE A 334 -23.76 -4.64 -2.65
CA ILE A 334 -24.18 -3.23 -2.74
C ILE A 334 -23.25 -2.35 -1.91
N GLU A 335 -22.95 -2.78 -0.69
CA GLU A 335 -22.13 -1.95 0.20
C GLU A 335 -20.69 -1.82 -0.32
N ALA A 336 -20.14 -2.89 -0.89
CA ALA A 336 -18.78 -2.80 -1.42
C ALA A 336 -18.68 -1.75 -2.51
N VAL A 337 -19.69 -1.66 -3.36
CA VAL A 337 -19.63 -0.73 -4.49
C VAL A 337 -19.98 0.68 -4.02
N ALA A 338 -20.99 0.80 -3.14
CA ALA A 338 -21.38 2.11 -2.64
C ALA A 338 -20.24 2.79 -1.87
N GLN A 339 -19.48 2.01 -1.10
CA GLN A 339 -18.41 2.57 -0.28
C GLN A 339 -17.10 2.74 -1.04
N GLY A 340 -17.07 2.43 -2.32
CA GLY A 340 -15.84 2.49 -3.11
C GLY A 340 -14.84 1.40 -2.79
N ASP A 341 -15.27 0.32 -2.13
CA ASP A 341 -14.34 -0.77 -1.81
C ASP A 341 -14.02 -1.61 -3.04
N ALA A 342 -14.88 -1.58 -4.03
CA ALA A 342 -14.67 -2.36 -5.23
C ALA A 342 -15.48 -1.77 -6.36
N ASP A 343 -15.03 -2.04 -7.57
CA ASP A 343 -15.76 -1.62 -8.76
C ASP A 343 -16.74 -2.68 -9.22
N LEU A 344 -16.36 -3.94 -9.16
CA LEU A 344 -17.21 -5.06 -9.53
C LEU A 344 -17.18 -6.08 -8.40
N VAL A 345 -18.23 -6.90 -8.32
CA VAL A 345 -18.36 -7.91 -7.27
C VAL A 345 -18.66 -9.25 -7.94
N SER A 346 -17.79 -10.24 -7.73
CA SER A 346 -18.02 -11.55 -8.33
C SER A 346 -18.65 -12.48 -7.31
N TYR A 347 -19.63 -13.27 -7.78
CA TYR A 347 -20.39 -14.21 -6.97
C TYR A 347 -20.13 -15.61 -7.50
N GLY A 348 -19.89 -16.55 -6.58
CA GLY A 348 -19.68 -17.92 -6.96
C GLY A 348 -20.87 -18.79 -6.63
N ARG A 349 -20.95 -19.23 -5.37
CA ARG A 349 -21.93 -20.24 -5.00
C ARG A 349 -23.36 -19.78 -5.33
N LEU A 350 -23.67 -18.51 -5.09
CA LEU A 350 -25.04 -18.06 -5.37
C LEU A 350 -25.33 -18.04 -6.85
N PHE A 351 -24.30 -17.92 -7.69
CA PHE A 351 -24.47 -18.00 -9.13
C PHE A 351 -24.62 -19.46 -9.60
N ILE A 352 -24.08 -20.43 -8.85
CA ILE A 352 -24.34 -21.83 -9.15
C ILE A 352 -25.84 -22.11 -9.09
N SER A 353 -26.48 -21.66 -8.02
CA SER A 353 -27.86 -22.07 -7.78
C SER A 353 -28.89 -21.07 -8.28
N ASN A 354 -28.47 -19.91 -8.76
CA ASN A 354 -29.38 -18.89 -9.30
C ASN A 354 -28.87 -18.49 -10.67
N PRO A 355 -29.32 -19.17 -11.73
CA PRO A 355 -28.88 -18.76 -13.08
C PRO A 355 -29.18 -17.30 -13.37
N ASP A 356 -30.31 -16.79 -12.91
CA ASP A 356 -30.66 -15.38 -13.06
C ASP A 356 -30.32 -14.58 -11.81
N LEU A 357 -29.13 -14.81 -11.26
CA LEU A 357 -28.70 -14.09 -10.06
C LEU A 357 -28.75 -12.58 -10.27
N VAL A 358 -28.39 -12.10 -11.46
CA VAL A 358 -28.39 -10.67 -11.70
C VAL A 358 -29.80 -10.11 -11.55
N MET A 359 -30.76 -10.70 -12.27
CA MET A 359 -32.15 -10.24 -12.16
C MET A 359 -32.67 -10.36 -10.73
N ARG A 360 -32.31 -11.44 -10.03
CA ARG A 360 -32.76 -11.58 -8.65
C ARG A 360 -32.21 -10.47 -7.76
N ILE A 361 -30.93 -10.11 -7.95
CA ILE A 361 -30.35 -9.05 -7.15
C ILE A 361 -30.98 -7.70 -7.49
N LYS A 362 -31.33 -7.50 -8.76
CA LYS A 362 -31.99 -6.26 -9.17
C LYS A 362 -33.34 -6.10 -8.49
N LEU A 363 -34.16 -7.14 -8.54
CA LEU A 363 -35.51 -7.17 -7.98
C LEU A 363 -35.54 -7.38 -6.47
N ASN A 364 -34.40 -7.67 -5.86
CA ASN A 364 -34.31 -8.17 -4.49
C ASN A 364 -35.24 -9.38 -4.29
N ALA A 365 -35.23 -10.28 -5.27
CA ALA A 365 -36.02 -11.50 -5.18
C ALA A 365 -35.28 -12.53 -4.33
N PRO A 366 -36.01 -13.44 -3.68
CA PRO A 366 -35.35 -14.46 -2.86
C PRO A 366 -34.42 -15.30 -3.71
N LEU A 367 -33.28 -15.68 -3.12
CA LEU A 367 -32.28 -16.51 -3.76
C LEU A 367 -32.46 -17.96 -3.34
N ASN A 368 -32.12 -18.87 -4.24
CA ASN A 368 -32.26 -20.30 -3.98
C ASN A 368 -30.95 -20.89 -3.45
N LYS A 369 -31.06 -21.88 -2.58
CA LYS A 369 -29.89 -22.52 -2.00
C LYS A 369 -29.12 -23.32 -3.04
N TYR A 370 -27.84 -23.52 -2.76
CA TYR A 370 -26.95 -24.34 -3.57
C TYR A 370 -26.65 -25.65 -2.88
N ASN A 371 -26.35 -26.67 -3.67
N ASN A 371 -26.40 -26.69 -3.68
CA ASN A 371 -26.11 -28.02 -3.17
CA ASN A 371 -26.10 -28.03 -3.19
C ASN A 371 -24.66 -28.39 -3.47
C ASN A 371 -24.63 -28.33 -3.49
N ARG A 372 -23.79 -28.28 -2.45
CA ARG A 372 -22.36 -28.53 -2.64
C ARG A 372 -22.05 -29.92 -3.16
N LYS A 373 -22.95 -30.88 -2.94
CA LYS A 373 -22.71 -32.25 -3.38
C LYS A 373 -22.59 -32.39 -4.90
N THR A 374 -23.19 -31.48 -5.66
CA THR A 374 -23.10 -31.50 -7.11
C THR A 374 -22.22 -30.36 -7.66
N PHE A 375 -21.34 -29.78 -6.84
CA PHE A 375 -20.41 -28.77 -7.34
C PHE A 375 -19.44 -29.35 -8.38
N TYR A 376 -18.88 -30.55 -8.10
CA TYR A 376 -17.79 -31.12 -8.87
C TYR A 376 -18.13 -32.45 -9.55
N THR A 377 -19.41 -32.80 -9.62
CA THR A 377 -19.83 -34.02 -10.30
C THR A 377 -19.80 -33.82 -11.81
N GLN A 378 -20.03 -34.91 -12.56
CA GLN A 378 -19.88 -34.87 -14.01
C GLN A 378 -21.20 -34.74 -14.75
N ASP A 379 -22.33 -34.77 -14.05
CA ASP A 379 -23.62 -34.80 -14.72
C ASP A 379 -23.81 -33.51 -15.51
N PRO A 380 -24.15 -33.59 -16.80
CA PRO A 380 -24.32 -32.39 -17.61
C PRO A 380 -25.52 -31.55 -17.23
N VAL A 381 -26.41 -32.05 -16.37
CA VAL A 381 -27.65 -31.36 -16.03
C VAL A 381 -27.79 -31.18 -14.53
N VAL A 382 -27.69 -32.28 -13.78
CA VAL A 382 -28.10 -32.29 -12.37
C VAL A 382 -27.12 -31.47 -11.54
N GLY A 383 -27.65 -30.50 -10.81
CA GLY A 383 -26.80 -29.58 -10.06
C GLY A 383 -25.98 -28.67 -10.94
N TYR A 384 -26.33 -28.55 -12.21
CA TYR A 384 -25.51 -27.78 -13.15
C TYR A 384 -26.39 -26.84 -13.95
N THR A 385 -27.35 -27.38 -14.70
CA THR A 385 -28.26 -26.53 -15.46
C THR A 385 -29.71 -26.68 -15.05
N ASP A 386 -30.01 -27.45 -13.99
CA ASP A 386 -31.39 -27.66 -13.59
C ASP A 386 -31.80 -26.83 -12.38
N TYR A 387 -30.99 -25.85 -11.98
CA TYR A 387 -31.46 -24.84 -11.06
C TYR A 387 -32.37 -23.86 -11.81
N PRO A 388 -33.60 -23.65 -11.36
CA PRO A 388 -34.57 -22.92 -12.20
C PRO A 388 -34.44 -21.41 -12.09
N PHE A 389 -35.04 -20.75 -13.08
CA PHE A 389 -35.18 -19.30 -13.13
C PHE A 389 -36.36 -18.87 -12.25
N LEU A 390 -36.41 -17.56 -11.98
CA LEU A 390 -37.60 -16.98 -11.36
C LEU A 390 -38.85 -17.34 -12.16
N GLN A 391 -39.91 -17.71 -11.46
CA GLN A 391 -41.14 -18.16 -12.14
C GLN A 391 -41.90 -17.00 -12.74
N ASN B 15 40.87 17.66 13.56
CA ASN B 15 39.75 17.11 14.32
C ASN B 15 38.41 17.54 13.72
N ASN B 16 37.43 16.64 13.78
CA ASN B 16 36.15 16.84 13.12
C ASN B 16 35.16 17.45 14.10
N PRO B 17 34.66 18.66 13.87
CA PRO B 17 33.72 19.27 14.83
C PRO B 17 32.40 18.53 14.94
N LEU B 18 32.00 17.79 13.90
CA LEU B 18 30.81 16.97 13.97
C LEU B 18 30.88 15.90 15.05
N PHE B 19 32.06 15.63 15.59
CA PHE B 19 32.25 14.59 16.60
C PHE B 19 32.74 15.17 17.92
N SER B 20 32.59 16.46 18.11
CA SER B 20 32.62 17.03 19.44
C SER B 20 31.32 16.68 20.15
N PRO B 21 31.38 16.22 21.41
CA PRO B 21 30.13 15.91 22.12
C PRO B 21 29.29 17.16 22.31
N TYR B 22 28.01 16.94 22.58
CA TYR B 22 27.10 18.06 22.75
C TYR B 22 26.01 17.67 23.74
N LYS B 23 25.70 18.61 24.63
CA LYS B 23 24.67 18.39 25.66
C LYS B 23 23.39 19.05 25.15
N MET B 24 22.46 18.22 24.68
CA MET B 24 21.15 18.69 24.27
C MET B 24 20.19 18.60 25.46
N GLY B 25 20.34 19.57 26.36
CA GLY B 25 19.61 19.55 27.61
C GLY B 25 19.99 18.34 28.46
N LYS B 26 19.03 17.46 28.75
CA LYS B 26 19.32 16.29 29.55
C LYS B 26 19.99 15.16 28.77
N PHE B 27 20.15 15.29 27.45
CA PHE B 27 20.68 14.23 26.61
C PHE B 27 22.11 14.54 26.22
N ASN B 28 23.02 13.61 26.53
CA ASN B 28 24.43 13.75 26.19
C ASN B 28 24.68 13.05 24.86
N LEU B 29 24.84 13.83 23.79
CA LEU B 29 25.09 13.27 22.48
C LEU B 29 26.59 13.18 22.22
N SER B 30 27.02 12.09 21.57
CA SER B 30 28.43 11.92 21.27
C SER B 30 28.85 12.60 19.98
N HIS B 31 27.91 12.95 19.11
CA HIS B 31 28.26 13.60 17.85
C HIS B 31 27.06 14.43 17.41
N ARG B 32 27.26 15.22 16.36
CA ARG B 32 26.30 16.23 15.95
C ARG B 32 25.58 15.90 14.65
N VAL B 33 25.69 14.65 14.18
CA VAL B 33 25.04 14.20 12.94
C VAL B 33 23.66 13.65 13.29
N VAL B 34 22.60 14.29 12.80
CA VAL B 34 21.24 13.98 13.21
C VAL B 34 20.51 13.34 12.04
N LEU B 35 19.71 12.31 12.33
CA LEU B 35 18.77 11.76 11.34
C LEU B 35 17.58 12.70 11.23
N ALA B 36 17.48 13.40 10.10
CA ALA B 36 16.35 14.28 9.84
C ALA B 36 15.06 13.48 9.74
N PRO B 37 13.93 14.07 10.15
CA PRO B 37 12.64 13.38 10.01
C PRO B 37 12.28 13.19 8.54
N MET B 38 11.92 11.96 8.17
CA MET B 38 11.64 11.65 6.76
C MET B 38 10.47 10.68 6.62
N THR B 39 9.39 11.18 6.03
CA THR B 39 8.27 10.36 5.60
C THR B 39 8.75 9.33 4.59
N ARG B 40 8.54 8.03 4.89
CA ARG B 40 8.89 6.96 3.95
C ARG B 40 7.73 6.04 3.59
N CYS B 41 6.59 6.14 4.28
CA CYS B 41 5.35 5.48 3.87
C CYS B 41 5.44 3.96 3.98
N ARG B 42 6.25 3.43 4.89
CA ARG B 42 6.27 2.00 5.14
C ARG B 42 5.37 1.57 6.30
N ALA B 43 4.74 2.52 6.99
CA ALA B 43 3.90 2.21 8.17
C ALA B 43 2.49 1.89 7.70
N LEU B 44 2.32 0.65 7.22
CA LEU B 44 1.09 0.23 6.56
C LEU B 44 -0.12 0.46 7.46
N ASN B 45 -1.15 1.08 6.88
CA ASN B 45 -2.40 1.41 7.57
C ASN B 45 -2.19 2.29 8.80
N ASN B 46 -1.14 3.11 8.77
CA ASN B 46 -0.77 4.04 9.82
C ASN B 46 -0.28 3.34 11.08
N ILE B 47 0.07 2.06 11.00
CA ILE B 47 0.57 1.30 12.13
C ILE B 47 2.08 1.13 11.94
N PRO B 48 2.92 1.56 12.87
CA PRO B 48 4.36 1.32 12.74
C PRO B 48 4.59 -0.18 12.52
N GLN B 49 5.54 -0.51 11.65
CA GLN B 49 5.78 -1.89 11.24
C GLN B 49 7.18 -2.32 11.66
N ALA B 50 7.42 -3.64 11.61
CA ALA B 50 8.73 -4.16 11.92
C ALA B 50 9.80 -3.55 11.02
N ALA B 51 9.43 -3.24 9.77
CA ALA B 51 10.37 -2.57 8.86
C ALA B 51 10.94 -1.30 9.46
N LEU B 52 10.10 -0.52 10.14
CA LEU B 52 10.59 0.71 10.75
C LEU B 52 11.61 0.43 11.84
N GLY B 53 11.40 -0.67 12.59
CA GLY B 53 12.39 -1.06 13.58
C GLY B 53 13.76 -1.29 12.97
N GLU B 54 13.81 -2.06 11.89
CA GLU B 54 15.10 -2.35 11.26
C GLU B 54 15.72 -1.10 10.66
N TYR B 55 14.89 -0.25 10.05
CA TYR B 55 15.36 1.00 9.44
C TYR B 55 16.00 1.92 10.47
N TYR B 56 15.28 2.21 11.56
CA TYR B 56 15.86 3.09 12.56
C TYR B 56 17.01 2.41 13.28
N GLU B 57 16.96 1.08 13.44
CA GLU B 57 18.09 0.40 14.11
C GLU B 57 19.36 0.53 13.29
N GLN B 58 19.27 0.35 11.97
CA GLN B 58 20.42 0.47 11.09
C GLN B 58 21.13 1.80 11.25
N ARG B 59 20.37 2.87 11.49
CA ARG B 59 20.90 4.22 11.50
C ARG B 59 21.25 4.74 12.89
N ALA B 60 20.74 4.10 13.94
CA ALA B 60 21.06 4.46 15.31
C ALA B 60 22.53 4.22 15.64
N THR B 61 23.12 5.16 16.39
CA THR B 61 24.49 5.07 16.89
C THR B 61 24.52 5.47 18.36
N ALA B 62 25.55 5.02 19.08
CA ALA B 62 25.66 5.34 20.50
C ALA B 62 25.85 6.83 20.67
N GLY B 63 24.93 7.46 21.39
CA GLY B 63 24.98 8.90 21.56
C GLY B 63 24.52 9.69 20.36
N GLY B 64 23.89 9.06 19.37
CA GLY B 64 23.34 9.74 18.21
C GLY B 64 21.88 10.10 18.40
N PHE B 65 21.44 11.17 17.74
CA PHE B 65 20.08 11.68 17.85
C PHE B 65 19.33 11.36 16.57
N LEU B 66 18.15 10.73 16.71
CA LEU B 66 17.27 10.40 15.58
C LEU B 66 15.93 11.10 15.75
N ILE B 67 15.41 11.65 14.66
CA ILE B 67 14.04 12.17 14.63
C ILE B 67 13.25 11.29 13.67
N THR B 68 12.04 10.89 14.07
CA THR B 68 11.26 10.00 13.23
C THR B 68 10.60 10.74 12.08
N GLU B 69 10.18 9.96 11.08
CA GLU B 69 9.20 10.43 10.10
C GLU B 69 8.05 11.15 10.79
N GLY B 70 7.44 12.10 10.08
CA GLY B 70 6.23 12.75 10.56
C GLY B 70 5.17 11.74 10.94
N THR B 71 4.52 11.94 12.09
CA THR B 71 3.61 10.96 12.68
C THR B 71 2.29 11.64 12.99
N MET B 72 1.20 11.00 12.59
CA MET B 72 -0.14 11.55 12.72
C MET B 72 -0.52 11.79 14.18
N ILE B 73 -1.13 12.95 14.45
CA ILE B 73 -1.65 13.24 15.78
C ILE B 73 -3.14 12.97 15.93
N SER B 74 -3.82 12.64 14.83
CA SER B 74 -5.28 12.50 14.82
C SER B 74 -5.70 11.83 13.52
N PRO B 75 -6.94 11.38 13.39
CA PRO B 75 -7.37 10.75 12.13
C PRO B 75 -7.36 11.69 10.93
N THR B 76 -7.32 13.01 11.13
CA THR B 76 -7.37 13.97 10.03
C THR B 76 -6.02 14.56 9.67
N SER B 77 -4.93 14.07 10.28
N SER B 77 -4.93 14.08 10.28
CA SER B 77 -3.60 14.68 10.17
CA SER B 77 -3.63 14.73 10.14
C SER B 77 -2.86 14.32 8.89
C SER B 77 -2.78 14.22 8.98
N ALA B 78 -3.26 13.27 8.19
CA ALA B 78 -2.43 12.66 7.15
C ALA B 78 -2.69 13.23 5.76
N GLY B 79 -1.62 13.30 4.96
CA GLY B 79 -1.70 13.67 3.55
C GLY B 79 -0.72 12.86 2.71
N PHE B 80 -0.31 11.71 3.23
CA PHE B 80 0.57 10.74 2.59
C PHE B 80 0.05 9.35 2.93
N PRO B 81 0.30 8.35 2.08
CA PRO B 81 -0.18 7.01 2.39
C PRO B 81 0.74 6.30 3.37
N HIS B 82 0.13 5.53 4.28
CA HIS B 82 0.86 4.60 5.14
C HIS B 82 1.93 5.30 5.99
N VAL B 83 1.58 6.47 6.53
CA VAL B 83 2.43 7.17 7.49
C VAL B 83 1.97 6.78 8.88
N PRO B 84 2.87 6.65 9.85
CA PRO B 84 2.43 6.17 11.16
C PRO B 84 1.63 7.23 11.92
N GLY B 85 0.77 6.74 12.81
CA GLY B 85 0.12 7.58 13.78
C GLY B 85 0.66 7.30 15.18
N ILE B 86 0.31 8.18 16.11
CA ILE B 86 0.61 7.87 17.49
C ILE B 86 -0.55 8.33 18.36
N PHE B 87 -1.77 8.25 17.82
CA PHE B 87 -2.96 8.63 18.54
C PHE B 87 -3.81 7.43 18.97
N THR B 88 -3.40 6.19 18.67
CA THR B 88 -4.06 4.98 19.18
C THR B 88 -3.10 4.17 20.03
N LYS B 89 -3.67 3.33 20.89
CA LYS B 89 -2.82 2.50 21.74
C LYS B 89 -2.09 1.45 20.91
N GLU B 90 -2.77 0.90 19.91
CA GLU B 90 -2.12 0.00 18.96
C GLU B 90 -0.86 0.63 18.36
N GLN B 91 -0.97 1.88 17.92
CA GLN B 91 0.22 2.57 17.41
C GLN B 91 1.27 2.71 18.51
N VAL B 92 0.85 3.07 19.72
CA VAL B 92 1.80 3.22 20.82
C VAL B 92 2.49 1.89 21.09
N ARG B 93 1.72 0.81 21.09
CA ARG B 93 2.27 -0.54 21.30
C ARG B 93 3.37 -0.85 20.28
N GLU B 94 3.14 -0.54 19.00
CA GLU B 94 4.12 -0.91 17.99
C GLU B 94 5.31 0.06 17.97
N TRP B 95 5.06 1.35 18.25
CA TRP B 95 6.17 2.28 18.37
C TRP B 95 7.14 1.86 19.48
N LYS B 96 6.59 1.33 20.58
CA LYS B 96 7.44 0.89 21.69
C LYS B 96 8.52 -0.08 21.24
N LYS B 97 8.17 -1.01 20.35
CA LYS B 97 9.13 -2.00 19.88
C LYS B 97 10.24 -1.34 19.07
N ILE B 98 9.89 -0.30 18.32
CA ILE B 98 10.86 0.43 17.50
C ILE B 98 11.79 1.25 18.39
N VAL B 99 11.23 1.95 19.38
CA VAL B 99 12.03 2.73 20.30
C VAL B 99 13.01 1.83 21.05
N ASP B 100 12.56 0.63 21.43
CA ASP B 100 13.44 -0.26 22.20
C ASP B 100 14.70 -0.59 21.43
N VAL B 101 14.58 -0.93 20.14
CA VAL B 101 15.76 -1.36 19.40
C VAL B 101 16.68 -0.17 19.12
N VAL B 102 16.13 1.03 19.05
CA VAL B 102 16.97 2.22 18.91
C VAL B 102 17.72 2.49 20.20
N HIS B 103 17.02 2.42 21.34
CA HIS B 103 17.67 2.65 22.63
C HIS B 103 18.74 1.60 22.92
N ALA B 104 18.56 0.38 22.40
CA ALA B 104 19.55 -0.67 22.60
C ALA B 104 20.89 -0.30 21.98
N LYS B 105 20.87 0.50 20.92
CA LYS B 105 22.11 0.98 20.31
C LYS B 105 22.64 2.23 20.98
N GLY B 106 21.95 2.75 22.00
CA GLY B 106 22.45 3.91 22.72
C GLY B 106 22.09 5.25 22.09
N ALA B 107 21.05 5.28 21.26
CA ALA B 107 20.66 6.50 20.58
C ALA B 107 19.51 7.18 21.30
N VAL B 108 19.38 8.49 21.05
CA VAL B 108 18.25 9.31 21.51
C VAL B 108 17.30 9.48 20.32
N ILE B 109 15.99 9.30 20.53
CA ILE B 109 15.05 9.42 19.43
C ILE B 109 13.82 10.23 19.84
N PHE B 110 13.45 11.19 19.01
CA PHE B 110 12.25 11.99 19.16
C PHE B 110 11.25 11.61 18.06
N CYS B 111 9.95 11.67 18.41
CA CYS B 111 8.87 11.45 17.46
C CYS B 111 8.41 12.79 16.91
N GLN B 112 8.39 12.94 15.59
CA GLN B 112 7.89 14.19 15.01
C GLN B 112 6.38 14.12 14.87
N LEU B 113 5.68 15.08 15.48
CA LEU B 113 4.22 15.16 15.42
C LEU B 113 3.80 16.06 14.27
N TRP B 114 2.99 15.52 13.35
CA TRP B 114 2.80 16.11 12.03
C TRP B 114 1.31 16.15 11.69
N HIS B 115 0.78 17.35 11.45
CA HIS B 115 -0.54 17.53 10.86
C HIS B 115 -0.36 18.29 9.55
N VAL B 116 -0.81 17.70 8.45
CA VAL B 116 -0.63 18.31 7.12
C VAL B 116 -1.61 19.44 6.84
N GLY B 117 -2.67 19.58 7.62
CA GLY B 117 -3.64 20.63 7.33
C GLY B 117 -4.25 20.47 5.94
N ARG B 118 -4.24 21.55 5.16
CA ARG B 118 -4.83 21.55 3.83
C ARG B 118 -4.04 20.73 2.82
N ALA B 119 -2.84 20.25 3.16
CA ALA B 119 -2.04 19.44 2.25
C ALA B 119 -2.48 17.98 2.35
N SER B 120 -3.73 17.73 1.97
CA SER B 120 -4.31 16.39 2.07
C SER B 120 -5.31 16.23 0.93
N HIS B 121 -6.13 15.18 1.02
CA HIS B 121 -7.03 14.81 -0.06
C HIS B 121 -8.14 13.97 0.55
N GLU B 122 -9.29 13.96 -0.11
CA GLU B 122 -10.43 13.19 0.38
C GLU B 122 -10.05 11.74 0.69
N VAL B 123 -9.17 11.16 -0.12
CA VAL B 123 -8.79 9.76 0.06
C VAL B 123 -8.06 9.52 1.37
N TYR B 124 -7.47 10.58 1.95
CA TYR B 124 -6.71 10.49 3.18
C TYR B 124 -7.54 10.87 4.39
N GLN B 125 -8.78 11.31 4.19
CA GLN B 125 -9.57 11.88 5.28
C GLN B 125 -10.72 10.95 5.68
N PRO B 126 -11.06 10.92 6.97
CA PRO B 126 -12.20 10.09 7.39
C PRO B 126 -13.47 10.50 6.68
N ALA B 127 -14.20 9.50 6.17
CA ALA B 127 -15.47 9.72 5.49
C ALA B 127 -15.35 10.65 4.30
N GLY B 128 -14.14 10.75 3.73
CA GLY B 128 -13.93 11.62 2.59
C GLY B 128 -14.06 13.10 2.88
N ALA B 129 -13.96 13.50 4.14
CA ALA B 129 -14.21 14.89 4.53
C ALA B 129 -13.11 15.80 3.97
N ALA B 130 -13.42 17.09 3.90
CA ALA B 130 -12.44 18.05 3.43
C ALA B 130 -11.30 18.16 4.44
N PRO B 131 -10.06 18.32 3.99
CA PRO B 131 -8.96 18.63 4.93
C PRO B 131 -9.26 19.91 5.68
N ILE B 132 -8.64 20.07 6.86
CA ILE B 132 -8.84 21.25 7.70
C ILE B 132 -7.65 22.19 7.56
N SER B 133 -7.91 23.49 7.69
CA SER B 133 -6.83 24.46 7.58
C SER B 133 -7.21 25.73 8.33
N SER B 134 -6.30 26.69 8.31
CA SER B 134 -6.61 28.04 8.80
C SER B 134 -7.55 28.78 7.85
N THR B 135 -7.61 28.32 6.60
CA THR B 135 -8.18 29.07 5.50
C THR B 135 -9.03 28.12 4.66
N GLU B 136 -9.85 28.69 3.78
CA GLU B 136 -10.54 27.92 2.77
C GLU B 136 -9.78 27.89 1.45
N LYS B 137 -8.63 28.55 1.38
CA LYS B 137 -7.88 28.57 0.12
C LYS B 137 -7.18 27.23 -0.09
N PRO B 138 -7.32 26.62 -1.26
CA PRO B 138 -6.54 25.41 -1.56
C PRO B 138 -5.12 25.76 -1.97
N ILE B 139 -4.24 24.77 -1.79
CA ILE B 139 -2.95 24.80 -2.49
C ILE B 139 -3.23 24.87 -3.99
N SER B 140 -2.38 25.62 -4.70
CA SER B 140 -2.59 25.81 -6.13
C SER B 140 -2.23 24.55 -6.90
N ASN B 141 -2.74 24.48 -8.15
CA ASN B 141 -2.42 23.37 -9.03
C ASN B 141 -0.95 23.36 -9.46
N ARG B 142 -0.12 24.26 -8.94
CA ARG B 142 1.32 24.09 -9.11
C ARG B 142 1.83 22.87 -8.34
N TRP B 143 1.08 22.40 -7.35
CA TRP B 143 1.47 21.27 -6.53
C TRP B 143 0.45 20.17 -6.65
N ARG B 144 0.92 18.93 -6.66
CA ARG B 144 0.10 17.72 -6.75
C ARG B 144 0.42 16.82 -5.58
N ILE B 145 -0.59 16.10 -5.10
CA ILE B 145 -0.46 15.27 -3.90
C ILE B 145 -0.26 13.82 -4.35
N LEU B 146 0.72 13.14 -3.75
CA LEU B 146 0.91 11.72 -4.03
C LEU B 146 -0.28 10.92 -3.51
N MET B 147 -0.84 10.08 -4.37
CA MET B 147 -2.00 9.27 -4.06
C MET B 147 -1.56 7.88 -3.61
N PRO B 148 -2.45 7.12 -2.98
CA PRO B 148 -2.05 5.78 -2.52
C PRO B 148 -1.63 4.86 -3.64
N ASP B 149 -2.13 5.06 -4.86
CA ASP B 149 -1.77 4.20 -5.99
C ASP B 149 -0.56 4.72 -6.76
N GLY B 150 0.12 5.74 -6.25
CA GLY B 150 1.32 6.23 -6.88
C GLY B 150 1.11 7.26 -7.96
N THR B 151 -0.14 7.66 -8.21
CA THR B 151 -0.40 8.75 -9.13
C THR B 151 -0.36 10.04 -8.33
N HIS B 152 -0.61 11.16 -9.01
CA HIS B 152 -0.63 12.46 -8.36
C HIS B 152 -2.00 13.10 -8.55
N GLY B 153 -2.59 13.56 -7.45
CA GLY B 153 -3.90 14.16 -7.45
C GLY B 153 -3.87 15.65 -7.19
N ILE B 154 -5.08 16.22 -7.09
CA ILE B 154 -5.31 17.65 -6.93
C ILE B 154 -5.65 17.93 -5.47
N TYR B 155 -4.96 18.91 -4.86
CA TYR B 155 -5.33 19.34 -3.50
C TYR B 155 -6.72 19.97 -3.51
N PRO B 156 -7.61 19.55 -2.63
CA PRO B 156 -8.96 20.11 -2.61
C PRO B 156 -9.01 21.37 -1.75
N LYS B 157 -10.18 22.02 -1.81
CA LYS B 157 -10.45 23.16 -0.95
C LYS B 157 -10.57 22.70 0.49
N PRO B 158 -9.81 23.27 1.43
CA PRO B 158 -9.93 22.89 2.84
C PRO B 158 -11.07 23.63 3.53
N ARG B 159 -11.41 23.14 4.72
CA ARG B 159 -12.40 23.77 5.59
C ARG B 159 -11.66 24.61 6.64
N ALA B 160 -11.98 25.89 6.72
CA ALA B 160 -11.35 26.77 7.72
C ALA B 160 -11.96 26.50 9.09
N ILE B 161 -11.14 26.03 10.04
CA ILE B 161 -11.68 25.63 11.34
C ILE B 161 -11.85 26.86 12.25
N GLY B 162 -12.78 26.74 13.20
CA GLY B 162 -12.97 27.77 14.21
C GLY B 162 -12.07 27.55 15.43
N THR B 163 -12.20 28.46 16.40
CA THR B 163 -11.25 28.42 17.50
C THR B 163 -11.51 27.27 18.46
N TYR B 164 -12.76 26.82 18.62
CA TYR B 164 -12.97 25.59 19.38
C TYR B 164 -12.22 24.43 18.74
N GLU B 165 -12.36 24.28 17.43
N GLU B 165 -12.38 24.27 17.42
CA GLU B 165 -11.67 23.18 16.75
CA GLU B 165 -11.67 23.21 16.71
C GLU B 165 -10.16 23.35 16.78
C GLU B 165 -10.16 23.37 16.84
N ILE B 166 -9.68 24.60 16.75
CA ILE B 166 -8.24 24.84 16.93
C ILE B 166 -7.78 24.29 18.27
N SER B 167 -8.55 24.57 19.32
CA SER B 167 -8.17 24.07 20.64
C SER B 167 -8.23 22.55 20.69
N GLN B 168 -9.12 21.92 19.92
CA GLN B 168 -9.11 20.47 19.87
C GLN B 168 -7.86 19.95 19.18
N VAL B 169 -7.39 20.65 18.15
CA VAL B 169 -6.16 20.22 17.47
C VAL B 169 -4.98 20.35 18.42
N VAL B 170 -4.92 21.45 19.18
CA VAL B 170 -3.90 21.59 20.20
C VAL B 170 -3.93 20.39 21.16
N GLU B 171 -5.13 19.97 21.55
CA GLU B 171 -5.26 18.84 22.47
C GLU B 171 -4.77 17.55 21.82
N ASP B 172 -5.00 17.39 20.51
CA ASP B 172 -4.42 16.25 19.79
C ASP B 172 -2.90 16.26 19.87
N TYR B 173 -2.29 17.44 19.75
CA TYR B 173 -0.84 17.53 19.95
C TYR B 173 -0.47 17.10 21.37
N ARG B 174 -1.22 17.58 22.35
CA ARG B 174 -0.90 17.25 23.74
C ARG B 174 -1.03 15.76 23.99
N ARG B 175 -2.12 15.16 23.52
CA ARG B 175 -2.32 13.73 23.73
C ARG B 175 -1.26 12.91 23.00
N SER B 176 -0.89 13.32 21.78
CA SER B 176 0.14 12.57 21.06
C SER B 176 1.51 12.69 21.72
N ALA B 177 1.84 13.87 22.26
CA ALA B 177 3.09 14.01 22.99
C ALA B 177 3.14 13.04 24.18
N LEU B 178 2.05 12.95 24.93
CA LEU B 178 1.99 11.99 26.03
C LEU B 178 2.13 10.56 25.53
N ASN B 179 1.49 10.24 24.40
CA ASN B 179 1.56 8.89 23.86
C ASN B 179 2.99 8.55 23.43
N ALA B 180 3.70 9.53 22.89
CA ALA B 180 5.10 9.30 22.54
C ALA B 180 5.94 8.96 23.76
N ILE B 181 5.75 9.70 24.86
CA ILE B 181 6.45 9.36 26.09
C ILE B 181 6.08 7.95 26.56
N GLU B 182 4.81 7.60 26.48
CA GLU B 182 4.38 6.26 26.87
C GLU B 182 4.99 5.18 25.98
N ALA B 183 5.28 5.51 24.71
CA ALA B 183 5.99 4.56 23.84
C ALA B 183 7.48 4.48 24.14
N GLY B 184 8.00 5.37 24.98
CA GLY B 184 9.41 5.35 25.31
C GLY B 184 10.24 6.39 24.60
N PHE B 185 9.64 7.20 23.71
CA PHE B 185 10.39 8.24 23.02
C PHE B 185 11.07 9.17 24.03
N ASP B 186 12.26 9.63 23.66
CA ASP B 186 12.93 10.60 24.50
C ASP B 186 12.25 11.96 24.45
N GLY B 187 11.48 12.22 23.41
CA GLY B 187 10.80 13.50 23.27
C GLY B 187 10.08 13.56 21.94
N ILE B 188 9.56 14.76 21.61
CA ILE B 188 8.83 14.95 20.36
C ILE B 188 9.31 16.22 19.68
N GLU B 189 9.11 16.27 18.36
CA GLU B 189 9.33 17.48 17.58
C GLU B 189 8.01 17.94 16.99
N ILE B 190 7.73 19.23 17.13
CA ILE B 190 6.57 19.86 16.52
C ILE B 190 6.93 20.17 15.06
N HIS B 191 6.19 19.57 14.13
CA HIS B 191 6.39 19.88 12.72
C HIS B 191 5.62 21.16 12.44
N GLY B 192 6.33 22.27 12.50
CA GLY B 192 5.70 23.55 12.22
C GLY B 192 6.21 24.16 10.94
N ALA B 193 6.63 23.33 9.99
CA ALA B 193 7.31 23.80 8.79
C ALA B 193 6.58 23.36 7.53
N HIS B 194 7.14 23.82 6.40
CA HIS B 194 6.94 23.25 5.06
C HIS B 194 5.50 23.36 4.55
N GLY B 195 4.75 24.35 5.01
CA GLY B 195 3.42 24.56 4.48
C GLY B 195 2.35 23.64 5.06
N TYR B 196 2.66 22.89 6.11
CA TYR B 196 1.67 22.01 6.74
C TYR B 196 0.83 22.84 7.72
N LEU B 197 0.10 22.21 8.65
CA LEU B 197 -0.98 22.93 9.34
C LEU B 197 -0.47 24.15 10.10
N ILE B 198 0.58 24.00 10.89
CA ILE B 198 1.05 25.13 11.68
C ILE B 198 1.52 26.26 10.77
N ASP B 199 2.26 25.92 9.71
CA ASP B 199 2.73 26.93 8.77
C ASP B 199 1.58 27.58 8.01
N GLN B 200 0.45 26.88 7.88
CA GLN B 200 -0.75 27.50 7.31
C GLN B 200 -1.33 28.59 8.22
N PHE B 201 -1.06 28.53 9.52
CA PHE B 201 -1.39 29.64 10.39
C PHE B 201 -0.32 30.71 10.40
N LEU B 202 0.96 30.32 10.29
CA LEU B 202 2.05 31.28 10.37
C LEU B 202 2.13 32.20 9.15
N LYS B 203 1.95 31.65 7.95
CA LYS B 203 2.37 32.37 6.75
C LYS B 203 1.29 33.33 6.29
N ASP B 204 1.65 34.59 6.02
CA ASP B 204 0.60 35.53 5.64
C ASP B 204 0.19 35.37 4.18
N GLY B 205 0.92 34.58 3.39
CA GLY B 205 0.38 34.16 2.11
C GLY B 205 -0.74 33.12 2.20
N ILE B 206 -0.93 32.49 3.35
CA ILE B 206 -1.98 31.50 3.53
C ILE B 206 -3.07 32.00 4.48
N ASN B 207 -2.68 32.55 5.63
CA ASN B 207 -3.61 32.86 6.70
C ASN B 207 -4.35 34.16 6.37
N ASP B 208 -5.60 34.03 5.90
CA ASP B 208 -6.47 35.18 5.63
C ASP B 208 -7.60 35.28 6.66
N ARG B 209 -7.33 34.90 7.90
CA ARG B 209 -8.37 34.89 8.92
C ARG B 209 -8.64 36.31 9.42
N THR B 210 -9.87 36.52 9.90
CA THR B 210 -10.29 37.80 10.46
C THR B 210 -10.51 37.73 11.96
N ASP B 211 -10.19 36.60 12.59
CA ASP B 211 -10.39 36.43 14.02
C ASP B 211 -9.04 36.55 14.74
N GLU B 212 -8.99 36.09 15.98
N GLU B 212 -8.99 36.10 15.99
CA GLU B 212 -7.80 36.28 16.81
CA GLU B 212 -7.79 36.31 16.79
C GLU B 212 -6.61 35.45 16.36
C GLU B 212 -6.61 35.44 16.37
N TYR B 213 -6.76 34.58 15.36
CA TYR B 213 -5.66 33.74 14.88
C TYR B 213 -5.08 34.24 13.56
N GLY B 214 -5.55 35.39 13.05
CA GLY B 214 -5.07 35.90 11.80
C GLY B 214 -5.03 37.42 11.79
N GLY B 215 -4.54 37.96 10.69
CA GLY B 215 -4.27 39.39 10.59
C GLY B 215 -2.83 39.66 10.96
N SER B 216 -2.63 40.11 12.18
CA SER B 216 -1.31 40.56 12.61
C SER B 216 -0.34 39.38 12.73
N LEU B 217 0.95 39.72 12.66
CA LEU B 217 1.97 38.71 12.91
C LEU B 217 1.76 38.03 14.25
N ALA B 218 1.40 38.81 15.28
CA ALA B 218 1.13 38.24 16.61
C ALA B 218 0.03 37.19 16.55
N ASN B 219 -1.08 37.51 15.88
CA ASN B 219 -2.19 36.58 15.79
C ASN B 219 -1.79 35.33 15.01
N ARG B 220 -0.98 35.49 13.96
CA ARG B 220 -0.55 34.35 13.16
C ARG B 220 0.38 33.41 13.94
N CYS B 221 1.08 33.91 14.94
CA CYS B 221 1.93 33.08 15.78
C CYS B 221 1.19 32.43 16.93
N LYS B 222 -0.09 32.75 17.11
CA LYS B 222 -0.82 32.23 18.26
C LYS B 222 -0.87 30.71 18.24
N PHE B 223 -1.19 30.12 17.08
CA PHE B 223 -1.37 28.67 17.00
C PHE B 223 -0.10 27.92 17.40
N ILE B 224 1.03 28.22 16.76
CA ILE B 224 2.25 27.50 17.11
C ILE B 224 2.58 27.69 18.58
N THR B 225 2.33 28.90 19.11
CA THR B 225 2.63 29.17 20.51
C THR B 225 1.78 28.27 21.42
N GLN B 226 0.48 28.17 21.12
CA GLN B 226 -0.40 27.35 21.95
C GLN B 226 -0.07 25.86 21.83
N VAL B 227 0.33 25.42 20.64
CA VAL B 227 0.74 24.02 20.47
C VAL B 227 1.98 23.72 21.31
N VAL B 228 3.03 24.53 21.16
CA VAL B 228 4.27 24.33 21.91
C VAL B 228 4.00 24.41 23.41
N GLN B 229 3.21 25.41 23.84
CA GLN B 229 2.86 25.51 25.25
C GLN B 229 2.16 24.25 25.73
N ALA B 230 1.25 23.69 24.93
CA ALA B 230 0.52 22.49 25.35
C ALA B 230 1.46 21.31 25.55
N VAL B 231 2.34 21.07 24.57
CA VAL B 231 3.23 19.92 24.70
C VAL B 231 4.31 20.17 25.77
N VAL B 232 4.76 21.42 25.93
CA VAL B 232 5.71 21.72 26.99
C VAL B 232 5.11 21.42 28.35
N SER B 233 3.86 21.84 28.56
CA SER B 233 3.20 21.57 29.83
C SER B 233 3.07 20.07 30.07
N ALA B 234 2.85 19.30 29.00
CA ALA B 234 2.55 17.89 29.15
C ALA B 234 3.79 17.06 29.46
N ILE B 235 4.89 17.28 28.74
CA ILE B 235 6.04 16.41 28.85
C ILE B 235 7.33 17.13 29.22
N GLY B 236 7.31 18.45 29.34
CA GLY B 236 8.50 19.18 29.74
C GLY B 236 9.24 19.79 28.58
N ALA B 237 9.74 21.02 28.78
CA ALA B 237 10.41 21.75 27.70
C ALA B 237 11.59 20.98 27.13
N ASP B 238 12.38 20.31 27.98
CA ASP B 238 13.60 19.70 27.48
C ASP B 238 13.35 18.45 26.65
N ARG B 239 12.10 18.03 26.53
CA ARG B 239 11.72 16.92 25.66
C ARG B 239 10.97 17.38 24.42
N VAL B 240 11.05 18.68 24.09
CA VAL B 240 10.27 19.26 22.99
C VAL B 240 11.21 19.99 22.05
N GLY B 241 11.25 19.55 20.79
CA GLY B 241 11.90 20.31 19.75
C GLY B 241 10.83 20.92 18.84
N VAL B 242 11.19 21.98 18.14
CA VAL B 242 10.26 22.71 17.28
C VAL B 242 10.93 22.94 15.95
N ARG B 243 10.25 22.55 14.86
CA ARG B 243 10.77 22.76 13.50
C ARG B 243 9.97 23.81 12.76
N VAL B 244 10.65 24.79 12.18
CA VAL B 244 10.01 25.82 11.35
C VAL B 244 10.82 26.05 10.08
N SER B 245 10.20 26.71 9.12
CA SER B 245 10.87 27.04 7.86
C SER B 245 10.28 28.35 7.35
N PRO B 246 10.68 29.48 7.94
CA PRO B 246 10.04 30.75 7.56
C PRO B 246 10.23 31.10 6.09
N ALA B 247 11.30 30.66 5.46
CA ALA B 247 11.58 30.91 4.05
C ALA B 247 11.64 29.58 3.33
N ILE B 248 10.56 29.20 2.67
CA ILE B 248 10.53 27.90 2.03
C ILE B 248 9.63 27.99 0.80
N ASP B 249 10.02 27.29 -0.25
CA ASP B 249 9.20 27.19 -1.45
C ASP B 249 8.51 25.83 -1.39
N HIS B 250 7.38 25.76 -0.69
CA HIS B 250 6.67 24.49 -0.61
C HIS B 250 5.20 24.72 -0.33
N LEU B 251 4.35 24.23 -1.24
CA LEU B 251 2.90 24.20 -1.04
C LEU B 251 2.31 25.59 -0.81
N ASP B 252 2.80 26.56 -1.59
CA ASP B 252 2.30 27.94 -1.55
C ASP B 252 2.33 28.51 -0.14
N ALA B 253 3.45 28.27 0.56
CA ALA B 253 3.64 28.74 1.93
C ALA B 253 4.61 29.92 1.93
N MET B 254 4.13 31.06 1.48
CA MET B 254 4.93 32.27 1.35
C MET B 254 4.56 33.27 2.45
N ASP B 255 5.56 33.98 2.98
CA ASP B 255 5.34 35.14 3.82
C ASP B 255 6.01 36.35 3.20
N SER B 256 5.39 37.51 3.41
CA SER B 256 5.95 38.73 2.83
C SER B 256 7.23 39.19 3.53
N ASN B 257 7.53 38.68 4.73
CA ASN B 257 8.72 39.07 5.47
C ASN B 257 9.22 37.87 6.26
N PRO B 258 9.83 36.89 5.57
CA PRO B 258 10.21 35.64 6.26
C PRO B 258 11.11 35.84 7.48
N LEU B 259 12.04 36.79 7.43
CA LEU B 259 12.90 37.01 8.59
C LEU B 259 12.09 37.47 9.79
N SER B 260 11.17 38.43 9.59
CA SER B 260 10.35 38.93 10.70
C SER B 260 9.46 37.83 11.26
N LEU B 261 8.90 37.01 10.38
CA LEU B 261 8.12 35.87 10.85
C LEU B 261 8.99 34.95 11.71
N GLY B 262 10.17 34.60 11.21
CA GLY B 262 11.04 33.72 11.98
C GLY B 262 11.42 34.31 13.33
N LEU B 263 11.75 35.60 13.36
CA LEU B 263 12.12 36.22 14.62
C LEU B 263 10.95 36.30 15.58
N ALA B 264 9.72 36.46 15.05
CA ALA B 264 8.55 36.49 15.93
C ALA B 264 8.34 35.12 16.58
N VAL B 265 8.46 34.06 15.78
CA VAL B 265 8.41 32.70 16.33
C VAL B 265 9.51 32.51 17.37
N VAL B 266 10.73 32.91 17.03
CA VAL B 266 11.85 32.74 17.95
C VAL B 266 11.59 33.47 19.27
N GLU B 267 10.99 34.67 19.20
CA GLU B 267 10.74 35.41 20.43
C GLU B 267 9.74 34.70 21.31
N ARG B 268 8.69 34.12 20.70
CA ARG B 268 7.70 33.35 21.45
C ARG B 268 8.34 32.12 22.11
N LEU B 269 9.26 31.44 21.40
CA LEU B 269 9.96 30.30 21.99
C LEU B 269 10.85 30.73 23.16
N ASN B 270 11.60 31.83 23.00
CA ASN B 270 12.39 32.33 24.12
C ASN B 270 11.51 32.59 25.35
N LYS B 271 10.33 33.18 25.13
CA LYS B 271 9.46 33.52 26.27
C LYS B 271 8.82 32.28 26.87
N ILE B 272 8.47 31.29 26.03
CA ILE B 272 7.95 30.03 26.59
C ILE B 272 8.99 29.40 27.51
N GLN B 273 10.26 29.44 27.11
CA GLN B 273 11.35 28.89 27.92
C GLN B 273 11.48 29.63 29.24
N LEU B 274 11.46 30.96 29.20
CA LEU B 274 11.63 31.73 30.43
C LEU B 274 10.47 31.49 31.39
N HIS B 275 9.24 31.39 30.85
CA HIS B 275 8.07 31.15 31.69
C HIS B 275 8.06 29.74 32.25
N SER B 276 8.66 28.78 31.56
CA SER B 276 8.72 27.41 32.04
C SER B 276 9.96 27.14 32.86
N GLY B 277 10.94 28.04 32.85
CA GLY B 277 12.19 27.81 33.57
C GLY B 277 13.05 26.70 33.00
N SER B 278 12.82 26.30 31.75
CA SER B 278 13.65 25.30 31.10
C SER B 278 13.73 25.61 29.62
N LYS B 279 14.82 25.20 28.99
CA LYS B 279 14.98 25.37 27.56
C LYS B 279 14.32 24.20 26.83
N LEU B 280 13.74 24.49 25.67
CA LEU B 280 13.34 23.42 24.77
C LEU B 280 14.55 22.58 24.40
N ALA B 281 14.27 21.42 23.81
CA ALA B 281 15.36 20.57 23.35
C ALA B 281 16.15 21.25 22.23
N TYR B 282 15.45 21.92 21.30
CA TYR B 282 16.11 22.59 20.17
C TYR B 282 15.10 23.31 19.29
N LEU B 283 15.64 24.19 18.46
CA LEU B 283 14.95 24.80 17.33
C LEU B 283 15.56 24.24 16.05
N HIS B 284 14.72 23.73 15.16
CA HIS B 284 15.13 23.03 13.95
C HIS B 284 14.62 23.87 12.78
N VAL B 285 15.51 24.32 11.90
CA VAL B 285 15.11 25.23 10.82
C VAL B 285 15.61 24.68 9.49
N THR B 286 14.72 24.65 8.49
CA THR B 286 15.09 24.24 7.14
C THR B 286 15.76 25.38 6.38
N GLN B 287 16.91 25.07 5.78
CA GLN B 287 17.61 26.00 4.91
C GLN B 287 16.74 26.33 3.70
N PRO B 288 16.57 27.62 3.36
CA PRO B 288 15.69 27.95 2.24
C PRO B 288 16.07 27.32 0.92
N ARG B 289 17.32 26.87 0.76
CA ARG B 289 17.74 26.27 -0.50
C ARG B 289 17.07 24.94 -0.76
N TYR B 290 16.50 24.31 0.26
CA TYR B 290 15.95 22.98 0.12
C TYR B 290 14.65 23.02 -0.67
N VAL B 291 14.61 22.30 -1.80
CA VAL B 291 13.44 22.23 -2.65
C VAL B 291 13.11 20.77 -2.94
N ALA B 292 11.91 20.54 -3.43
CA ALA B 292 11.46 19.21 -3.79
C ALA B 292 11.55 19.01 -5.30
N SER B 303 18.84 34.91 -2.83
CA SER B 303 20.30 35.01 -2.83
C SER B 303 20.92 33.98 -1.89
N GLU B 304 22.06 33.43 -2.30
CA GLU B 304 22.73 32.43 -1.47
C GLU B 304 23.22 33.03 -0.15
N GLU B 305 23.76 34.25 -0.20
CA GLU B 305 24.23 34.89 1.02
C GLU B 305 23.07 35.29 1.92
N GLU B 306 21.98 35.81 1.33
CA GLU B 306 20.83 36.21 2.15
C GLU B 306 20.14 35.01 2.79
N GLU B 307 20.26 33.82 2.18
CA GLU B 307 19.68 32.64 2.79
C GLU B 307 20.51 32.18 3.98
N ALA B 308 21.83 32.09 3.81
CA ALA B 308 22.70 31.75 4.93
C ALA B 308 22.58 32.78 6.05
N ARG B 309 22.38 34.05 5.69
CA ARG B 309 22.29 35.10 6.69
C ARG B 309 20.98 35.02 7.47
N LEU B 310 19.86 34.75 6.80
CA LEU B 310 18.60 34.52 7.53
C LEU B 310 18.77 33.41 8.56
N MET B 311 19.44 32.32 8.17
CA MET B 311 19.65 31.20 9.09
C MET B 311 20.46 31.64 10.31
N ARG B 312 21.57 32.34 10.07
CA ARG B 312 22.40 32.77 11.19
C ARG B 312 21.69 33.82 12.05
N THR B 313 20.81 34.62 11.46
CA THR B 313 20.07 35.60 12.25
C THR B 313 19.09 34.91 13.19
N LEU B 314 18.42 33.85 12.70
CA LEU B 314 17.48 33.11 13.55
C LEU B 314 18.23 32.41 14.67
N ARG B 315 19.34 31.75 14.33
CA ARG B 315 20.18 31.09 15.35
C ARG B 315 20.63 32.08 16.42
N ASN B 316 21.19 33.22 16.00
CA ASN B 316 21.63 34.23 16.95
C ASN B 316 20.49 34.70 17.86
N ALA B 317 19.26 34.73 17.35
CA ALA B 317 18.15 35.23 18.14
C ALA B 317 17.61 34.22 19.14
N TYR B 318 17.91 32.94 18.98
CA TYR B 318 17.25 31.91 19.76
C TYR B 318 18.13 31.46 20.91
N GLN B 319 17.56 31.44 22.11
CA GLN B 319 18.25 31.06 23.34
C GLN B 319 18.24 29.54 23.50
N GLY B 320 19.04 28.85 22.70
CA GLY B 320 19.10 27.41 22.85
C GLY B 320 19.75 26.71 21.66
N THR B 321 19.53 25.40 21.61
CA THR B 321 20.17 24.55 20.61
C THR B 321 19.53 24.75 19.24
N PHE B 322 20.36 24.89 18.21
CA PHE B 322 19.94 25.16 16.84
C PHE B 322 20.37 23.99 15.96
N ILE B 323 19.40 23.33 15.34
CA ILE B 323 19.66 22.27 14.35
C ILE B 323 19.39 22.84 12.96
N CYS B 324 20.35 22.71 12.06
CA CYS B 324 20.14 23.19 10.70
C CYS B 324 19.93 21.99 9.78
N SER B 325 19.11 22.18 8.75
CA SER B 325 18.77 21.09 7.85
C SER B 325 18.57 21.64 6.45
N GLY B 326 18.87 20.79 5.46
CA GLY B 326 18.57 21.12 4.09
C GLY B 326 19.79 21.24 3.19
N GLY B 327 20.08 20.17 2.44
CA GLY B 327 21.17 20.20 1.49
C GLY B 327 22.56 20.08 2.07
N TYR B 328 22.68 19.69 3.34
CA TYR B 328 24.00 19.59 3.92
C TYR B 328 24.75 18.36 3.39
N THR B 329 26.06 18.54 3.28
CA THR B 329 27.03 17.52 2.93
C THR B 329 27.96 17.35 4.13
N ARG B 330 28.96 16.47 3.98
CA ARG B 330 29.94 16.32 5.05
C ARG B 330 30.67 17.64 5.28
N GLU B 331 31.16 18.26 4.20
CA GLU B 331 31.92 19.50 4.31
C GLU B 331 31.05 20.66 4.79
N LEU B 332 29.82 20.77 4.28
CA LEU B 332 28.95 21.86 4.73
C LEU B 332 28.55 21.69 6.19
N GLY B 333 28.41 20.45 6.65
CA GLY B 333 28.08 20.22 8.04
C GLY B 333 29.23 20.54 8.97
N ILE B 334 30.44 20.12 8.59
CA ILE B 334 31.62 20.50 9.36
C ILE B 334 31.72 22.02 9.43
N GLU B 335 31.49 22.69 8.30
CA GLU B 335 31.56 24.14 8.27
C GLU B 335 30.51 24.78 9.16
N ALA B 336 29.29 24.22 9.17
CA ALA B 336 28.22 24.81 9.97
C ALA B 336 28.56 24.79 11.45
N VAL B 337 29.12 23.69 11.93
CA VAL B 337 29.42 23.60 13.36
C VAL B 337 30.69 24.38 13.70
N ALA B 338 31.70 24.31 12.84
CA ALA B 338 32.96 25.00 13.10
C ALA B 338 32.75 26.50 13.23
N GLN B 339 31.85 27.05 12.43
CA GLN B 339 31.64 28.49 12.42
C GLN B 339 30.60 28.95 13.42
N GLY B 340 29.98 28.02 14.15
CA GLY B 340 28.93 28.38 15.08
C GLY B 340 27.58 28.65 14.45
N ASP B 341 27.39 28.30 13.17
CA ASP B 341 26.10 28.51 12.52
C ASP B 341 25.02 27.58 13.06
N ALA B 342 25.42 26.49 13.70
CA ALA B 342 24.48 25.51 14.21
C ALA B 342 25.20 24.65 15.22
N ASP B 343 24.41 24.07 16.12
CA ASP B 343 24.94 23.10 17.08
C ASP B 343 24.87 21.68 16.53
N LEU B 344 23.77 21.34 15.87
CA LEU B 344 23.57 20.03 15.30
C LEU B 344 23.18 20.19 13.84
N VAL B 345 23.45 19.14 13.05
CA VAL B 345 23.19 19.16 11.61
C VAL B 345 22.40 17.90 11.27
N SER B 346 21.17 18.06 10.75
CA SER B 346 20.36 16.90 10.37
C SER B 346 20.52 16.63 8.89
N TYR B 347 20.70 15.34 8.56
CA TYR B 347 20.83 14.85 7.20
C TYR B 347 19.63 14.02 6.82
N GLY B 348 19.11 14.25 5.62
CA GLY B 348 17.98 13.50 5.15
C GLY B 348 18.36 12.47 4.11
N ARG B 349 18.42 12.90 2.85
CA ARG B 349 18.58 11.96 1.74
C ARG B 349 19.84 11.11 1.91
N LEU B 350 20.95 11.71 2.35
CA LEU B 350 22.18 10.93 2.52
C LEU B 350 22.02 9.87 3.60
N PHE B 351 21.11 10.08 4.56
CA PHE B 351 20.86 9.07 5.58
C PHE B 351 19.97 7.95 5.05
N ILE B 352 19.11 8.26 4.07
CA ILE B 352 18.34 7.20 3.41
C ILE B 352 19.28 6.16 2.84
N SER B 353 20.31 6.60 2.11
CA SER B 353 21.15 5.68 1.34
C SER B 353 22.40 5.24 2.08
N ASN B 354 22.71 5.81 3.24
CA ASN B 354 23.90 5.45 4.01
C ASN B 354 23.44 5.18 5.44
N PRO B 355 23.06 3.94 5.76
CA PRO B 355 22.62 3.64 7.12
C PRO B 355 23.67 3.97 8.16
N ASP B 356 24.94 3.80 7.81
CA ASP B 356 26.07 4.16 8.67
C ASP B 356 26.66 5.50 8.25
N LEU B 357 25.80 6.49 7.99
CA LEU B 357 26.27 7.81 7.59
C LEU B 357 27.18 8.42 8.67
N VAL B 358 26.87 8.19 9.94
CA VAL B 358 27.71 8.73 11.00
C VAL B 358 29.13 8.19 10.85
N MET B 359 29.27 6.87 10.76
CA MET B 359 30.58 6.26 10.61
C MET B 359 31.27 6.73 9.34
N ARG B 360 30.52 6.82 8.23
CA ARG B 360 31.12 7.29 6.99
C ARG B 360 31.63 8.72 7.12
N ILE B 361 30.85 9.58 7.77
CA ILE B 361 31.29 10.96 7.95
C ILE B 361 32.54 11.00 8.82
N LYS B 362 32.57 10.21 9.89
CA LYS B 362 33.75 10.16 10.77
C LYS B 362 34.99 9.72 10.00
N LEU B 363 34.86 8.70 9.16
CA LEU B 363 35.99 8.16 8.43
C LEU B 363 36.29 8.92 7.15
N ASN B 364 35.44 9.87 6.76
CA ASN B 364 35.46 10.46 5.42
C ASN B 364 35.45 9.37 4.34
N ALA B 365 34.61 8.38 4.54
CA ALA B 365 34.43 7.33 3.55
C ALA B 365 33.45 7.79 2.48
N PRO B 366 33.59 7.28 1.25
CA PRO B 366 32.65 7.67 0.19
C PRO B 366 31.22 7.33 0.58
N LEU B 367 30.30 8.21 0.21
CA LEU B 367 28.88 8.01 0.47
C LEU B 367 28.20 7.42 -0.76
N ASN B 368 27.15 6.65 -0.53
CA ASN B 368 26.40 6.01 -1.61
C ASN B 368 25.18 6.83 -2.00
N LYS B 369 24.86 6.78 -3.30
CA LYS B 369 23.75 7.54 -3.87
C LYS B 369 22.40 7.02 -3.38
N TYR B 370 21.40 7.90 -3.43
CA TYR B 370 20.05 7.56 -3.03
C TYR B 370 19.13 7.50 -4.25
N ASN B 371 18.08 6.73 -4.13
CA ASN B 371 17.17 6.45 -5.25
C ASN B 371 15.81 7.05 -4.91
N ARG B 372 15.55 8.25 -5.45
N ARG B 372 15.57 8.25 -5.44
CA ARG B 372 14.32 8.95 -5.15
CA ARG B 372 14.32 8.97 -5.21
C ARG B 372 13.07 8.14 -5.51
C ARG B 372 13.09 8.10 -5.47
N LYS B 373 13.20 7.16 -6.41
CA LYS B 373 12.03 6.37 -6.80
C LYS B 373 11.46 5.54 -5.65
N THR B 374 12.29 5.17 -4.68
CA THR B 374 11.81 4.36 -3.55
C THR B 374 11.75 5.16 -2.25
N PHE B 375 11.68 6.50 -2.33
CA PHE B 375 11.52 7.31 -1.12
C PHE B 375 10.19 7.02 -0.42
N TYR B 376 9.10 6.86 -1.19
CA TYR B 376 7.75 6.85 -0.66
C TYR B 376 6.98 5.56 -0.98
N THR B 377 7.67 4.52 -1.43
CA THR B 377 7.00 3.25 -1.72
C THR B 377 6.77 2.48 -0.41
N GLN B 378 6.04 1.37 -0.51
CA GLN B 378 5.60 0.62 0.67
C GLN B 378 6.44 -0.63 0.94
N ASP B 379 7.40 -0.93 0.08
CA ASP B 379 8.17 -2.16 0.24
C ASP B 379 8.94 -2.10 1.54
N PRO B 380 8.84 -3.13 2.40
CA PRO B 380 9.53 -3.07 3.70
C PRO B 380 11.05 -3.17 3.59
N VAL B 381 11.60 -3.55 2.44
CA VAL B 381 13.04 -3.73 2.27
C VAL B 381 13.58 -2.85 1.15
N VAL B 382 12.97 -2.92 -0.04
CA VAL B 382 13.61 -2.36 -1.22
C VAL B 382 13.61 -0.83 -1.13
N GLY B 383 14.81 -0.25 -1.20
CA GLY B 383 14.96 1.20 -1.05
C GLY B 383 14.80 1.70 0.37
N TYR B 384 14.81 0.80 1.35
CA TYR B 384 14.48 1.18 2.71
C TYR B 384 15.53 0.65 3.67
N THR B 385 15.68 -0.68 3.72
CA THR B 385 16.69 -1.29 4.57
C THR B 385 17.75 -2.05 3.81
N ASP B 386 17.73 -2.04 2.47
CA ASP B 386 18.72 -2.79 1.70
C ASP B 386 19.82 -1.90 1.12
N TYR B 387 19.96 -0.67 1.60
CA TYR B 387 21.17 0.09 1.33
C TYR B 387 22.26 -0.44 2.25
N PRO B 388 23.40 -0.87 1.73
CA PRO B 388 24.35 -1.60 2.57
C PRO B 388 25.23 -0.69 3.41
N PHE B 389 25.84 -1.31 4.42
CA PHE B 389 26.86 -0.70 5.25
C PHE B 389 28.20 -0.73 4.53
N LEU B 390 29.16 0.06 5.05
CA LEU B 390 30.54 -0.06 4.60
C LEU B 390 30.96 -1.53 4.63
N GLN B 391 31.67 -1.96 3.60
CA GLN B 391 32.02 -3.37 3.45
C GLN B 391 33.13 -3.81 4.42
N1 FMN C . -11.80 -19.54 -8.11
C2 FMN C . -10.85 -19.53 -9.11
O2 FMN C . -10.08 -18.59 -9.22
N3 FMN C . -10.79 -20.56 -10.04
C4 FMN C . -11.65 -21.62 -9.95
O4 FMN C . -11.59 -22.54 -10.78
C4A FMN C . -12.61 -21.64 -8.94
N5 FMN C . -13.48 -22.71 -8.85
C5A FMN C . -14.47 -22.74 -7.87
C6 FMN C . -15.37 -23.80 -7.80
C7 FMN C . -16.35 -23.84 -6.82
C7M FMN C . -17.31 -25.00 -6.75
C8 FMN C . -16.43 -22.78 -5.91
C8M FMN C . -17.49 -22.80 -4.85
C9 FMN C . -15.54 -21.71 -5.98
C9A FMN C . -14.55 -21.67 -6.96
N10 FMN C . -13.66 -20.61 -7.04
C10 FMN C . -12.69 -20.60 -8.03
C1' FMN C . -13.73 -19.45 -6.10
C2' FMN C . -14.72 -18.48 -6.76
O2' FMN C . -14.18 -17.93 -7.94
C3' FMN C . -15.17 -17.31 -5.90
O3' FMN C . -14.06 -16.50 -5.59
C4' FMN C . -15.88 -17.73 -4.61
O4' FMN C . -16.83 -18.76 -4.84
C5' FMN C . -16.61 -16.49 -4.10
O5' FMN C . -17.25 -16.82 -2.90
P FMN C . -18.83 -17.05 -2.89
O1P FMN C . -19.50 -16.13 -3.89
O2P FMN C . -19.08 -18.46 -3.33
O3P FMN C . -19.37 -16.82 -1.49
N1 O8R D . -9.90 -22.61 -7.28
C4 O8R D . -10.75 -22.23 -5.00
C5 O8R D . -9.91 -21.25 -3.10
C6 O8R D . -10.49 -21.79 -1.81
C7 O8R D . -10.74 -21.19 0.43
C1 O8R D . -10.98 -25.20 -7.65
C2 O8R D . -11.36 -24.32 -6.48
C3 O8R D . -10.60 -23.00 -6.32
O1 O8R D . -12.20 -24.63 -5.71
O2 O8R D . -11.70 -21.57 -4.80
O3 O8R D . -9.75 -22.28 -4.04
O4 O8R D . -9.14 -21.43 -7.24
O5 O8R D . -10.23 -20.83 -0.82
C1 PEG E . -2.83 -39.36 -17.55
O1 PEG E . -2.34 -39.97 -16.38
C2 PEG E . -3.33 -37.95 -17.22
O2 PEG E . -3.67 -37.30 -18.41
C3 PEG E . -2.63 -36.61 -19.03
C4 PEG E . -2.60 -35.17 -18.55
O4 PEG E . -3.08 -34.27 -19.52
N GLY F . -18.09 -37.03 -9.58
CA GLY F . -17.01 -37.48 -8.72
C GLY F . -15.89 -36.48 -8.64
O GLY F . -14.74 -36.80 -8.94
OXT GLY F . -16.10 -35.31 -8.28
C1 EDO G . -1.30 -16.27 5.18
O1 EDO G . -1.41 -15.22 6.16
C2 EDO G . -1.22 -15.64 3.78
O2 EDO G . -1.92 -16.43 2.82
C1 EDO H . -27.85 -36.58 -23.90
O1 EDO H . -27.71 -38.01 -24.01
C2 EDO H . -29.15 -36.22 -23.21
O2 EDO H . -30.05 -37.34 -23.24
N1 FMN I . 10.82 16.89 7.00
C2 FMN I . 9.90 16.93 8.02
O2 FMN I . 9.95 17.86 8.83
N3 FMN I . 8.95 15.94 8.15
C4 FMN I . 8.92 14.89 7.24
O4 FMN I . 8.08 13.99 7.36
C4A FMN I . 9.86 14.86 6.21
N5 FMN I . 9.85 13.84 5.29
C5A FMN I . 10.80 13.77 4.28
C6 FMN I . 10.78 12.70 3.38
C7 FMN I . 11.73 12.64 2.37
C7M FMN I . 11.70 11.49 1.40
C8 FMN I . 12.69 13.64 2.26
C8M FMN I . 13.71 13.59 1.17
C9 FMN I . 12.71 14.71 3.16
C9A FMN I . 11.76 14.77 4.17
N10 FMN I . 11.77 15.82 5.09
C10 FMN I . 10.82 15.87 6.09
C1' FMN I . 12.81 16.91 5.02
C2' FMN I . 14.00 16.40 5.86
O2' FMN I . 13.62 16.28 7.22
C3' FMN I . 15.26 17.25 5.80
O3' FMN I . 15.01 18.59 6.22
C4' FMN I . 15.87 17.29 4.40
O4' FMN I . 15.85 15.98 3.81
C5' FMN I . 17.31 17.74 4.59
O5' FMN I . 17.93 17.92 3.34
P FMN I . 18.93 16.80 2.76
O1P FMN I . 19.78 16.20 3.87
O2P FMN I . 18.05 15.69 2.22
O3P FMN I . 19.77 17.40 1.66
N1 O8R J . 7.76 17.10 4.97
C4 O8R J . 9.21 18.12 3.27
C5 O8R J . 9.62 20.24 2.38
C6 O8R J . 9.86 20.13 0.88
C7 O8R J . 10.68 22.33 1.19
C1 O8R J . 6.84 14.93 3.46
C2 O8R J . 8.01 15.79 3.02
C3 O8R J . 8.31 17.03 3.84
O1 O8R J . 8.68 15.51 2.09
O2 O8R J . 10.39 17.99 3.23
O3 O8R J . 8.66 19.30 2.77
O4 O8R J . 7.91 18.17 5.84
O5 O8R J . 10.70 21.16 0.43
C1 EDO K . 2.19 16.69 0.17
O1 EDO K . 2.87 17.35 1.23
C2 EDO K . 0.83 16.13 0.59
O2 EDO K . 0.71 15.97 2.01
N GLY L . 4.29 3.18 -3.79
CA GLY L . 3.16 4.00 -4.20
C GLY L . 3.04 5.28 -3.42
O GLY L . 1.99 5.56 -2.84
OXT GLY L . 3.98 6.07 -3.33
C1 EDO M . 6.09 38.56 8.94
O1 EDO M . 4.83 37.90 8.67
C2 EDO M . 5.84 39.98 9.43
O2 EDO M . 4.44 40.24 9.57
#